data_5LI3
#
_entry.id   5LI3
#
_cell.length_a   82.190
_cell.length_b   82.190
_cell.length_c   217.030
_cell.angle_alpha   90.00
_cell.angle_beta   90.00
_cell.angle_gamma   90.00
#
_symmetry.space_group_name_H-M   'P 41 21 2'
#
loop_
_entity.id
_entity.type
_entity.pdbx_description
1 polymer 'Acetoin utilization protein'
2 non-polymer 'ZINC ION'
3 non-polymer 'POTASSIUM ION'
4 non-polymer (2E)-N-hydroxy-3-{4-[(E)-(1,3,5-trimethyl-1H-pyrazol-4-yl)diazenyl]phenyl}prop-2-enamide
5 water water
#
_entity_poly.entity_id   1
_entity_poly.type   'polypeptide(L)'
_entity_poly.pdbx_seq_one_letter_code
;MTRRTAFFFDELCLWHAAGPHALTLPVGGWVQPPAAAGHAESPETKRRLKSLLDVSGLTARLQLRSAPPASDEDLLRVHP
AHYLERFKALSDAGGGSLGQDAPIGPGSYEIARLSAGLAIAALDAVLAGEADNAYSLSRPPGHHCLPDQAMGFCFFANIA
VAIEAAKARHGVERVAVLDWDVHHGNGTQAIYYRRDDVLSISLHQDGCFPPGYSGAEDIGEDRGRGFNLNVPLLPGGGHD
AYMQAMQRIVLPALERFRPQLIVVASGFDANAVDPLARMQLHSDSFRAMTAMVRDAAERHAGGRLVVVHEGGYSEAYVPF
CGLAVIEELSGVRSAVRDPLRDFIELQQPNAAFRDFQRQRLEELAAQFGLCPAQPLQAAR
;
_entity_poly.pdbx_strand_id   A,B
#
loop_
_chem_comp.id
_chem_comp.type
_chem_comp.name
_chem_comp.formula
9RB non-polymer (2E)-N-hydroxy-3-{4-[(E)-(1,3,5-trimethyl-1H-pyrazol-4-yl)diazenyl]phenyl}prop-2-enamide 'C15 H17 N5 O2'
K non-polymer 'POTASSIUM ION' 'K 1'
ZN non-polymer 'ZINC ION' 'Zn 2'
#
# COMPACT_ATOMS: atom_id res chain seq x y z
N ARG A 3 -6.82 35.11 -2.36
CA ARG A 3 -6.03 34.58 -1.20
C ARG A 3 -4.53 34.55 -1.50
N ARG A 4 -3.72 35.05 -0.57
CA ARG A 4 -2.26 34.89 -0.62
C ARG A 4 -1.87 33.60 0.11
N THR A 5 -1.22 32.69 -0.61
CA THR A 5 -0.71 31.45 -0.04
C THR A 5 0.80 31.44 -0.20
N ALA A 6 1.52 31.34 0.92
CA ALA A 6 2.98 31.22 0.93
C ALA A 6 3.36 29.75 0.80
N PHE A 7 4.42 29.49 0.03
CA PHE A 7 4.92 28.15 -0.18
C PHE A 7 6.36 28.14 0.29
N PHE A 8 6.60 27.47 1.42
CA PHE A 8 7.93 27.39 2.00
C PHE A 8 8.64 26.10 1.58
N PHE A 9 9.73 26.29 0.85
CA PHE A 9 10.46 25.19 0.26
C PHE A 9 11.93 25.58 0.20
N ASP A 10 12.80 24.59 0.32
CA ASP A 10 14.20 24.77 -0.04
C ASP A 10 14.73 23.48 -0.67
N GLU A 11 15.43 23.65 -1.79
CA GLU A 11 16.02 22.55 -2.53
C GLU A 11 16.82 21.61 -1.62
N LEU A 12 17.54 22.17 -0.65
CA LEU A 12 18.46 21.41 0.18
C LEU A 12 17.75 20.33 1.01
N CYS A 13 16.49 20.56 1.35
CA CYS A 13 15.68 19.56 2.05
C CYS A 13 15.55 18.24 1.32
N LEU A 14 15.61 18.30 -0.01
CA LEU A 14 15.60 17.11 -0.82
C LEU A 14 16.93 16.35 -0.86
N TRP A 15 18.00 16.94 -0.31
CA TRP A 15 19.34 16.31 -0.29
C TRP A 15 19.59 15.41 0.93
N HIS A 16 18.73 15.46 1.96
CA HIS A 16 18.87 14.56 3.13
C HIS A 16 18.62 13.12 2.70
N ALA A 17 19.61 12.28 2.89
CA ALA A 17 19.56 10.90 2.43
C ALA A 17 20.25 10.00 3.45
N ALA A 18 19.50 9.03 3.97
CA ALA A 18 20.04 8.05 4.90
C ALA A 18 20.73 6.91 4.14
N GLY A 19 21.12 5.85 4.85
CA GLY A 19 21.76 4.69 4.22
C GLY A 19 20.83 3.88 3.34
N PRO A 20 21.36 2.83 2.69
CA PRO A 20 20.55 2.00 1.80
C PRO A 20 19.44 1.25 2.55
N HIS A 21 18.24 1.30 2.00
CA HIS A 21 17.07 0.61 2.54
C HIS A 21 16.24 0.02 1.41
N ALA A 22 15.53 -1.06 1.68
CA ALA A 22 14.48 -1.54 0.79
C ALA A 22 13.19 -1.19 1.51
N LEU A 23 12.50 -0.19 0.99
CA LEU A 23 11.32 0.37 1.63
C LEU A 23 11.74 0.88 3.04
N THR A 24 11.24 0.28 4.13
CA THR A 24 11.63 0.67 5.50
C THR A 24 12.75 -0.18 6.10
N LEU A 25 13.09 -1.29 5.45
CA LEU A 25 14.05 -2.23 5.99
C LEU A 25 15.46 -1.81 5.67
N PRO A 26 16.34 -1.71 6.69
CA PRO A 26 17.76 -1.55 6.41
C PRO A 26 18.29 -2.67 5.54
N VAL A 27 19.19 -2.34 4.62
CA VAL A 27 19.89 -3.33 3.81
C VAL A 27 20.87 -4.06 4.71
N GLY A 28 21.14 -5.32 4.37
CA GLY A 28 22.01 -6.19 5.12
C GLY A 28 21.22 -7.39 5.58
N GLY A 29 21.94 -8.49 5.79
CA GLY A 29 21.32 -9.75 6.18
C GLY A 29 20.56 -10.31 5.00
N TRP A 30 19.29 -10.65 5.24
CA TRP A 30 18.42 -11.22 4.21
C TRP A 30 17.76 -10.17 3.30
N VAL A 31 17.95 -8.89 3.60
CA VAL A 31 17.45 -7.81 2.75
C VAL A 31 18.49 -7.41 1.72
N GLN A 32 18.26 -7.81 0.48
CA GLN A 32 19.12 -7.49 -0.64
C GLN A 32 19.15 -5.98 -0.90
N PRO A 33 20.31 -5.42 -1.29
CA PRO A 33 20.31 -4.02 -1.71
C PRO A 33 19.46 -3.76 -2.97
N PRO A 34 18.56 -2.76 -2.96
CA PRO A 34 17.81 -2.41 -4.17
C PRO A 34 18.69 -1.98 -5.33
N ALA A 35 18.26 -2.32 -6.55
CA ALA A 35 18.98 -1.92 -7.76
C ALA A 35 18.88 -0.42 -7.97
N ALA A 36 17.74 0.15 -7.57
CA ALA A 36 17.51 1.58 -7.66
C ALA A 36 17.00 2.15 -6.34
N ALA A 37 15.79 1.76 -5.97
CA ALA A 37 14.92 2.49 -5.03
C ALA A 37 15.66 3.33 -3.99
N GLY A 38 16.23 2.66 -3.00
CA GLY A 38 16.81 3.31 -1.85
C GLY A 38 15.61 3.38 -0.91
N HIS A 39 15.46 4.49 -0.19
CA HIS A 39 14.56 4.54 0.96
C HIS A 39 13.11 4.87 0.57
N ALA A 40 12.16 4.59 1.46
CA ALA A 40 10.76 5.01 1.28
C ALA A 40 10.60 6.52 1.47
N GLU A 41 10.93 7.03 2.66
CA GLU A 41 11.14 8.48 2.89
C GLU A 41 12.30 8.99 2.02
N SER A 42 11.95 9.20 0.74
CA SER A 42 12.91 9.52 -0.29
C SER A 42 12.64 10.93 -0.82
N PRO A 43 13.64 11.54 -1.46
CA PRO A 43 13.46 12.86 -2.06
C PRO A 43 12.36 12.95 -3.14
N GLU A 44 12.17 11.87 -3.90
CA GLU A 44 11.38 11.92 -5.13
C GLU A 44 9.90 12.21 -4.92
N THR A 45 9.32 11.72 -3.84
CA THR A 45 7.93 12.06 -3.53
C THR A 45 7.74 13.56 -3.42
N LYS A 46 8.63 14.22 -2.68
CA LYS A 46 8.58 15.67 -2.52
C LYS A 46 9.02 16.39 -3.80
N ARG A 47 10.03 15.87 -4.46
CA ARG A 47 10.55 16.49 -5.69
C ARG A 47 9.51 16.52 -6.81
N ARG A 48 8.80 15.41 -6.98
CA ARG A 48 7.75 15.32 -8.00
C ARG A 48 6.56 16.24 -7.72
N LEU A 49 6.21 16.42 -6.44
CA LEU A 49 5.16 17.38 -6.08
C LEU A 49 5.56 18.78 -6.52
N LYS A 50 6.79 19.17 -6.19
CA LYS A 50 7.33 20.47 -6.55
C LYS A 50 7.34 20.67 -8.07
N SER A 51 7.83 19.67 -8.80
CA SER A 51 7.84 19.68 -10.27
C SER A 51 6.45 19.86 -10.86
N LEU A 52 5.48 19.16 -10.28
CA LEU A 52 4.10 19.26 -10.75
C LEU A 52 3.53 20.66 -10.52
N LEU A 53 3.80 21.23 -9.35
CA LEU A 53 3.36 22.59 -9.04
C LEU A 53 3.94 23.60 -10.02
N ASP A 54 5.23 23.43 -10.33
CA ASP A 54 5.90 24.25 -11.34
C ASP A 54 5.23 24.08 -12.70
N VAL A 55 5.09 22.84 -13.14
CA VAL A 55 4.58 22.52 -14.47
C VAL A 55 3.09 22.87 -14.64
N SER A 56 2.32 22.78 -13.57
CA SER A 56 0.91 23.18 -13.55
C SER A 56 0.70 24.69 -13.66
N GLY A 57 1.74 25.49 -13.36
CA GLY A 57 1.61 26.94 -13.26
C GLY A 57 1.31 27.45 -11.84
N LEU A 58 1.01 26.53 -10.92
CA LEU A 58 0.53 26.88 -9.59
C LEU A 58 1.59 27.61 -8.79
N THR A 59 2.85 27.17 -8.90
CA THR A 59 3.97 27.81 -8.21
C THR A 59 4.00 29.32 -8.51
N ALA A 60 3.79 29.69 -9.77
CA ALA A 60 3.75 31.11 -10.19
C ALA A 60 2.67 31.96 -9.48
N ARG A 61 1.59 31.32 -9.03
CA ARG A 61 0.52 31.99 -8.29
C ARG A 61 0.66 31.92 -6.75
N LEU A 62 1.81 31.49 -6.26
CA LEU A 62 2.08 31.41 -4.82
C LEU A 62 3.24 32.33 -4.47
N GLN A 63 3.37 32.63 -3.19
CA GLN A 63 4.52 33.40 -2.69
C GLN A 63 5.61 32.40 -2.30
N LEU A 64 6.58 32.21 -3.19
CA LEU A 64 7.67 31.26 -2.99
C LEU A 64 8.70 31.83 -2.02
N ARG A 65 8.92 31.13 -0.91
CA ARG A 65 9.81 31.61 0.15
C ARG A 65 10.73 30.49 0.58
N SER A 66 11.95 30.85 0.98
CA SER A 66 12.78 29.97 1.78
C SER A 66 12.75 30.51 3.22
N ALA A 67 13.65 30.02 4.06
CA ALA A 67 13.77 30.53 5.44
C ALA A 67 15.15 30.23 5.99
N PRO A 68 15.56 30.99 7.02
CA PRO A 68 16.80 30.62 7.70
C PRO A 68 16.55 29.37 8.57
N PRO A 69 17.60 28.57 8.81
CA PRO A 69 17.38 27.38 9.64
C PRO A 69 16.93 27.75 11.06
N ALA A 70 16.36 26.79 11.77
CA ALA A 70 15.95 27.00 13.16
C ALA A 70 17.16 27.30 14.03
N SER A 71 17.02 28.36 14.84
CA SER A 71 18.06 28.76 15.81
C SER A 71 18.07 27.78 16.98
N ASP A 72 19.13 27.82 17.77
CA ASP A 72 19.23 26.97 18.96
C ASP A 72 18.13 27.32 19.96
N GLU A 73 17.89 28.61 20.14
CA GLU A 73 16.79 29.09 21.00
C GLU A 73 15.46 28.42 20.65
N ASP A 74 15.14 28.39 19.36
CA ASP A 74 13.92 27.76 18.85
C ASP A 74 13.88 26.26 19.14
N LEU A 75 14.99 25.59 18.86
CA LEU A 75 15.07 24.14 19.04
C LEU A 75 15.02 23.73 20.50
N LEU A 76 15.67 24.53 21.36
CA LEU A 76 15.72 24.24 22.80
C LEU A 76 14.39 24.41 23.53
N ARG A 77 13.45 25.17 22.95
CA ARG A 77 12.09 25.25 23.49
C ARG A 77 11.38 23.89 23.55
N VAL A 78 11.77 22.97 22.67
CA VAL A 78 11.21 21.62 22.62
C VAL A 78 12.23 20.53 22.98
N HIS A 79 13.44 20.63 22.46
CA HIS A 79 14.46 19.59 22.62
C HIS A 79 15.52 19.98 23.63
N PRO A 80 15.91 19.04 24.50
CA PRO A 80 17.05 19.25 25.37
C PRO A 80 18.35 19.44 24.59
N ALA A 81 19.26 20.25 25.14
CA ALA A 81 20.58 20.50 24.56
C ALA A 81 21.35 19.20 24.27
N HIS A 82 21.27 18.25 25.18
CA HIS A 82 21.87 16.93 25.01
C HIS A 82 21.42 16.16 23.74
N TYR A 83 20.16 16.33 23.36
CA TYR A 83 19.68 15.75 22.12
C TYR A 83 20.33 16.44 20.90
N LEU A 84 20.37 17.77 20.92
CA LEU A 84 21.02 18.56 19.86
C LEU A 84 22.49 18.20 19.64
N GLU A 85 23.24 18.02 20.72
CA GLU A 85 24.67 17.70 20.61
C GLU A 85 24.90 16.30 20.08
N ARG A 86 24.09 15.36 20.58
CA ARG A 86 24.18 13.98 20.19
C ARG A 86 23.88 13.78 18.70
N PHE A 87 22.80 14.42 18.24
CA PHE A 87 22.39 14.43 16.83
C PHE A 87 23.50 15.07 15.96
N LYS A 88 23.94 16.27 16.35
CA LYS A 88 25.02 16.96 15.64
C LYS A 88 26.26 16.11 15.53
N ALA A 89 26.65 15.49 16.64
CA ALA A 89 27.84 14.64 16.70
C ALA A 89 27.81 13.51 15.69
N LEU A 90 26.67 12.83 15.59
CA LEU A 90 26.51 11.71 14.66
C LEU A 90 26.47 12.17 13.19
N SER A 91 25.75 13.26 12.94
CA SER A 91 25.69 13.88 11.61
C SER A 91 27.07 14.35 11.16
N ASP A 92 27.81 15.01 12.06
CA ASP A 92 29.22 15.40 11.81
C ASP A 92 30.13 14.20 11.55
N ALA A 93 29.92 13.12 12.31
CA ALA A 93 30.70 11.88 12.16
C ALA A 93 30.48 11.08 10.88
N GLY A 94 29.41 11.36 10.14
CA GLY A 94 29.11 10.69 8.87
C GLY A 94 27.82 9.87 8.84
N GLY A 95 26.88 10.20 9.73
CA GLY A 95 25.58 9.53 9.74
C GLY A 95 25.56 8.27 10.58
N GLY A 96 24.43 7.56 10.53
CA GLY A 96 24.21 6.36 11.34
C GLY A 96 22.77 6.29 11.82
N SER A 97 22.57 5.75 13.02
CA SER A 97 21.24 5.57 13.58
C SER A 97 21.05 6.39 14.87
N LEU A 98 20.05 7.27 14.88
CA LEU A 98 19.59 7.94 16.10
C LEU A 98 18.61 7.05 16.88
N GLY A 99 17.87 6.22 16.15
CA GLY A 99 17.08 5.13 16.71
C GLY A 99 16.74 4.18 15.58
N GLN A 100 16.05 3.08 15.87
CA GLN A 100 15.50 2.25 14.78
C GLN A 100 14.32 3.04 14.21
N ASP A 101 14.17 2.98 12.87
CA ASP A 101 13.25 3.84 12.11
C ASP A 101 13.67 5.31 12.11
N ALA A 102 14.95 5.56 12.36
CA ALA A 102 15.49 6.92 12.41
C ALA A 102 16.96 6.92 12.01
N PRO A 103 17.24 6.59 10.74
CA PRO A 103 18.60 6.66 10.21
C PRO A 103 18.89 8.06 9.66
N ILE A 104 20.15 8.48 9.75
CA ILE A 104 20.58 9.78 9.22
C ILE A 104 21.84 9.65 8.37
N GLY A 105 22.01 10.59 7.45
CA GLY A 105 23.22 10.67 6.64
C GLY A 105 24.14 11.77 7.15
N PRO A 106 25.33 11.90 6.54
CA PRO A 106 26.18 13.07 6.83
C PRO A 106 25.49 14.39 6.52
N GLY A 107 25.59 15.36 7.43
CA GLY A 107 24.97 16.67 7.25
C GLY A 107 23.48 16.75 7.45
N SER A 108 22.86 15.66 7.95
CA SER A 108 21.42 15.64 8.20
C SER A 108 20.99 16.62 9.29
N TYR A 109 21.93 16.99 10.18
CA TYR A 109 21.67 17.98 11.24
C TYR A 109 21.28 19.32 10.65
N GLU A 110 22.05 19.77 9.66
CA GLU A 110 21.81 21.07 9.03
C GLU A 110 20.51 21.07 8.23
N ILE A 111 20.20 19.93 7.63
CA ILE A 111 19.01 19.83 6.78
C ILE A 111 17.76 19.76 7.65
N ALA A 112 17.81 18.98 8.74
CA ALA A 112 16.70 18.96 9.72
C ALA A 112 16.41 20.33 10.34
N ARG A 113 17.47 21.05 10.69
CA ARG A 113 17.32 22.44 11.13
C ARG A 113 16.61 23.31 10.12
N LEU A 114 17.00 23.15 8.85
CA LEU A 114 16.36 23.89 7.76
C LEU A 114 14.90 23.54 7.67
N SER A 115 14.60 22.23 7.73
CA SER A 115 13.22 21.74 7.69
C SER A 115 12.37 22.37 8.80
N ALA A 116 12.92 22.41 10.01
CA ALA A 116 12.26 23.06 11.14
C ALA A 116 12.12 24.56 10.91
N GLY A 117 13.20 25.18 10.40
CA GLY A 117 13.17 26.58 9.99
C GLY A 117 11.99 26.96 9.09
N LEU A 118 11.71 26.11 8.11
CA LEU A 118 10.61 26.35 7.18
C LEU A 118 9.27 26.31 7.90
N ALA A 119 9.11 25.40 8.86
CA ALA A 119 7.88 25.35 9.67
C ALA A 119 7.75 26.59 10.54
N ILE A 120 8.83 27.01 11.18
CA ILE A 120 8.86 28.24 11.97
C ILE A 120 8.38 29.41 11.12
N ALA A 121 9.04 29.62 9.99
CA ALA A 121 8.76 30.73 9.08
C ALA A 121 7.32 30.75 8.54
N ALA A 122 6.75 29.57 8.29
CA ALA A 122 5.38 29.47 7.78
C ALA A 122 4.39 30.01 8.78
N LEU A 123 4.49 29.56 10.03
CA LEU A 123 3.62 30.06 11.10
C LEU A 123 3.80 31.56 11.29
N ASP A 124 5.05 31.98 11.38
CA ASP A 124 5.42 33.40 11.49
C ASP A 124 4.73 34.25 10.41
N ALA A 125 4.87 33.84 9.17
CA ALA A 125 4.34 34.58 8.04
C ALA A 125 2.83 34.69 8.09
N VAL A 126 2.13 33.63 8.51
CA VAL A 126 0.68 33.68 8.60
C VAL A 126 0.24 34.57 9.77
N LEU A 127 0.93 34.45 10.90
CA LEU A 127 0.63 35.30 12.07
C LEU A 127 0.96 36.78 11.88
N ALA A 128 1.97 37.09 11.05
CA ALA A 128 2.32 38.49 10.75
C ALA A 128 1.45 39.14 9.66
N GLY A 129 0.53 38.38 9.05
CA GLY A 129 -0.33 38.91 7.99
C GLY A 129 0.32 38.99 6.61
N GLU A 130 1.49 38.37 6.43
CA GLU A 130 2.17 38.33 5.14
C GLU A 130 1.44 37.41 4.16
N ALA A 131 0.79 36.38 4.68
CA ALA A 131 -0.04 35.49 3.90
C ALA A 131 -1.30 35.14 4.67
N ASP A 132 -2.35 34.78 3.94
CA ASP A 132 -3.60 34.31 4.53
C ASP A 132 -3.42 32.89 5.08
N ASN A 133 -2.72 32.05 4.32
CA ASN A 133 -2.35 30.70 4.75
C ASN A 133 -1.02 30.29 4.15
N ALA A 134 -0.51 29.13 4.52
CA ALA A 134 0.79 28.69 4.00
C ALA A 134 0.96 27.18 3.99
N TYR A 135 1.85 26.74 3.12
CA TYR A 135 2.21 25.35 2.97
C TYR A 135 3.73 25.28 3.13
N SER A 136 4.19 24.41 4.03
CA SER A 136 5.62 24.22 4.23
C SER A 136 5.98 22.82 3.76
N LEU A 137 6.84 22.74 2.73
CA LEU A 137 7.32 21.44 2.25
C LEU A 137 8.52 21.01 3.08
N SER A 138 8.25 20.65 4.33
CA SER A 138 9.30 20.31 5.30
C SER A 138 9.73 18.87 5.10
N ARG A 139 10.99 18.67 4.72
CA ARG A 139 11.63 17.36 4.74
C ARG A 139 13.01 17.53 5.40
N PRO A 140 13.40 16.73 6.42
CA PRO A 140 12.64 15.61 6.97
C PRO A 140 11.42 15.99 7.80
N PRO A 141 10.46 15.06 7.93
CA PRO A 141 9.22 15.28 8.67
C PRO A 141 9.46 15.29 10.20
N GLY A 142 8.43 15.67 10.96
CA GLY A 142 8.57 15.91 12.40
C GLY A 142 7.60 15.31 13.40
N HIS A 143 6.44 14.82 12.94
CA HIS A 143 5.34 14.52 13.83
C HIS A 143 5.53 13.30 14.77
N HIS A 144 6.50 12.44 14.47
CA HIS A 144 6.85 11.33 15.35
C HIS A 144 7.93 11.68 16.37
N CYS A 145 8.73 12.71 16.07
CA CYS A 145 9.87 13.05 16.91
C CYS A 145 9.50 13.42 18.36
N LEU A 146 10.10 12.72 19.32
CA LEU A 146 9.97 13.05 20.74
C LEU A 146 11.10 14.02 21.12
N PRO A 147 10.99 14.69 22.29
CA PRO A 147 12.00 15.68 22.69
C PRO A 147 13.44 15.17 22.71
N ASP A 148 13.64 13.92 23.15
CA ASP A 148 14.96 13.32 23.21
C ASP A 148 15.01 11.95 22.53
N GLN A 149 14.08 11.68 21.62
CA GLN A 149 14.16 10.48 20.79
C GLN A 149 13.58 10.73 19.37
N ALA A 150 14.42 10.48 18.38
CA ALA A 150 14.03 10.47 16.98
C ALA A 150 13.40 9.12 16.63
N MET A 151 12.22 9.15 16.00
CA MET A 151 11.61 7.95 15.49
C MET A 151 10.77 8.25 14.26
N GLY A 152 10.48 7.23 13.47
CA GLY A 152 9.67 7.35 12.27
C GLY A 152 10.18 8.34 11.24
N PHE A 153 11.51 8.35 11.06
CA PHE A 153 12.19 9.25 10.12
C PHE A 153 12.05 10.74 10.47
N CYS A 154 11.74 11.05 11.73
CA CYS A 154 11.56 12.42 12.20
C CYS A 154 12.63 12.74 13.24
N PHE A 155 13.31 13.87 13.06
CA PHE A 155 14.48 14.25 13.86
C PHE A 155 14.35 15.53 14.66
N PHE A 156 13.41 16.39 14.28
CA PHE A 156 12.94 17.47 15.15
C PHE A 156 11.42 17.49 15.03
N ALA A 157 10.76 17.76 16.14
CA ALA A 157 9.34 18.07 16.19
C ALA A 157 9.06 19.43 15.58
N ASN A 158 9.12 19.46 14.24
CA ASN A 158 8.97 20.67 13.43
C ASN A 158 7.77 21.52 13.81
N ILE A 159 6.60 20.90 13.92
CA ILE A 159 5.38 21.61 14.27
C ILE A 159 5.38 22.16 15.70
N ALA A 160 5.92 21.39 16.64
CA ALA A 160 6.06 21.85 18.03
C ALA A 160 7.05 23.02 18.12
N VAL A 161 8.18 22.91 17.46
CA VAL A 161 9.16 24.00 17.44
C VAL A 161 8.54 25.25 16.83
N ALA A 162 7.78 25.07 15.75
CA ALA A 162 7.16 26.22 15.09
C ALA A 162 6.10 26.87 15.97
N ILE A 163 5.34 26.04 16.69
CA ILE A 163 4.29 26.54 17.60
C ILE A 163 4.89 27.30 18.79
N GLU A 164 5.97 26.79 19.37
CA GLU A 164 6.61 27.46 20.51
C GLU A 164 7.20 28.80 20.11
N ALA A 165 7.86 28.84 18.95
CA ALA A 165 8.41 30.09 18.42
C ALA A 165 7.31 31.09 18.10
N ALA A 166 6.16 30.58 17.64
CA ALA A 166 4.99 31.43 17.38
C ALA A 166 4.42 32.04 18.65
N LYS A 167 4.28 31.24 19.70
CA LYS A 167 3.79 31.71 21.00
C LYS A 167 4.75 32.73 21.62
N ALA A 168 6.04 32.40 21.62
CA ALA A 168 7.10 33.32 22.08
C ALA A 168 7.14 34.66 21.35
N ARG A 169 6.99 34.63 20.02
CA ARG A 169 7.03 35.86 19.22
C ARG A 169 5.71 36.62 19.20
N HIS A 170 4.59 35.94 18.95
CA HIS A 170 3.29 36.59 18.71
C HIS A 170 2.27 36.50 19.86
N GLY A 171 2.43 35.53 20.75
CA GLY A 171 1.52 35.38 21.89
C GLY A 171 0.15 34.84 21.52
N VAL A 172 0.12 33.85 20.64
CA VAL A 172 -1.11 33.10 20.35
C VAL A 172 -1.40 32.16 21.54
N GLU A 173 -2.68 32.03 21.89
CA GLU A 173 -3.09 31.31 23.10
C GLU A 173 -3.70 29.93 22.82
N ARG A 174 -4.36 29.78 21.68
CA ARG A 174 -5.05 28.55 21.33
C ARG A 174 -4.67 28.12 19.92
N VAL A 175 -3.84 27.09 19.85
CA VAL A 175 -3.42 26.48 18.60
C VAL A 175 -4.03 25.10 18.51
N ALA A 176 -4.57 24.75 17.35
CA ALA A 176 -5.04 23.40 17.09
C ALA A 176 -4.17 22.77 16.00
N VAL A 177 -3.72 21.55 16.27
CA VAL A 177 -2.95 20.77 15.31
C VAL A 177 -3.80 19.59 14.85
N LEU A 178 -4.12 19.54 13.56
CA LEU A 178 -4.85 18.40 13.00
C LEU A 178 -3.88 17.62 12.17
N ASP A 179 -3.66 16.38 12.55
CA ASP A 179 -2.67 15.55 11.92
C ASP A 179 -3.40 14.48 11.12
N TRP A 180 -3.36 14.59 9.79
CA TRP A 180 -4.00 13.60 8.92
C TRP A 180 -3.04 12.71 8.12
N ASP A 181 -1.73 12.78 8.39
CA ASP A 181 -0.82 11.70 8.04
C ASP A 181 -1.48 10.43 8.56
N VAL A 182 -1.28 9.32 7.88
CA VAL A 182 -1.99 8.08 8.21
C VAL A 182 -1.51 7.43 9.52
N HIS A 183 -0.33 7.82 9.99
CA HIS A 183 0.29 7.30 11.21
C HIS A 183 0.02 8.20 12.39
N HIS A 184 0.03 7.63 13.60
CA HIS A 184 -0.27 8.39 14.81
C HIS A 184 0.82 9.41 15.10
N GLY A 185 0.42 10.66 15.29
CA GLY A 185 1.38 11.76 15.54
C GLY A 185 1.74 11.77 17.00
N ASN A 186 2.60 10.83 17.40
CA ASN A 186 2.94 10.61 18.82
C ASN A 186 3.81 11.70 19.41
N GLY A 187 4.65 12.33 18.58
CA GLY A 187 5.52 13.40 19.03
C GLY A 187 4.75 14.62 19.49
N THR A 188 3.83 15.06 18.64
CA THR A 188 2.94 16.16 18.94
C THR A 188 2.09 15.87 20.18
N GLN A 189 1.58 14.65 20.29
CA GLN A 189 0.79 14.25 21.46
C GLN A 189 1.60 14.34 22.75
N ALA A 190 2.76 13.71 22.77
CA ALA A 190 3.64 13.70 23.94
C ALA A 190 4.00 15.11 24.41
N ILE A 191 4.46 15.93 23.46
CA ILE A 191 4.92 17.28 23.75
C ILE A 191 3.86 18.13 24.43
N TYR A 192 2.61 18.04 23.95
CA TYR A 192 1.55 18.88 24.45
C TYR A 192 0.51 18.11 25.27
N TYR A 193 0.91 16.99 25.89
CA TYR A 193 -0.06 16.09 26.52
C TYR A 193 -0.72 16.68 27.78
N ARG A 194 0.06 17.42 28.58
CA ARG A 194 -0.46 18.07 29.81
C ARG A 194 -0.88 19.53 29.62
N ARG A 195 -1.01 19.97 28.37
CA ARG A 195 -1.30 21.36 28.04
C ARG A 195 -2.70 21.53 27.46
N ASP A 196 -3.38 22.61 27.84
CA ASP A 196 -4.68 22.95 27.25
C ASP A 196 -4.62 24.06 26.18
N ASP A 197 -3.44 24.65 25.98
CA ASP A 197 -3.27 25.70 24.96
C ASP A 197 -3.03 25.16 23.54
N VAL A 198 -2.63 23.89 23.42
CA VAL A 198 -2.54 23.22 22.13
C VAL A 198 -3.49 22.03 22.09
N LEU A 199 -4.53 22.10 21.25
CA LEU A 199 -5.40 20.94 20.96
C LEU A 199 -4.72 20.07 19.91
N SER A 200 -4.47 18.80 20.24
CA SER A 200 -3.80 17.89 19.32
C SER A 200 -4.79 16.83 18.87
N ILE A 201 -5.05 16.77 17.56
CA ILE A 201 -5.91 15.73 16.99
C ILE A 201 -5.12 14.92 15.98
N SER A 202 -5.26 13.60 16.09
CA SER A 202 -4.67 12.68 15.15
C SER A 202 -5.71 11.70 14.64
N LEU A 203 -5.95 11.74 13.32
CA LEU A 203 -6.61 10.64 12.61
C LEU A 203 -5.51 9.72 12.14
N HIS A 204 -5.64 8.42 12.40
CA HIS A 204 -4.68 7.43 11.89
C HIS A 204 -5.32 6.06 11.68
N GLN A 205 -4.60 5.22 10.96
CA GLN A 205 -4.97 3.84 10.78
C GLN A 205 -4.68 3.13 12.09
N ASP A 206 -5.68 2.43 12.61
CA ASP A 206 -5.59 1.74 13.89
C ASP A 206 -4.42 0.77 13.86
N GLY A 207 -3.44 1.00 14.72
CA GLY A 207 -2.32 0.10 14.93
C GLY A 207 -1.24 0.06 13.86
N CYS A 208 -1.22 1.04 12.96
CA CYS A 208 -0.27 1.06 11.84
C CYS A 208 1.14 1.47 12.30
N PHE A 209 1.33 2.74 12.68
CA PHE A 209 2.60 3.21 13.25
C PHE A 209 2.34 4.36 14.23
N PRO A 210 2.78 4.27 15.49
CA PRO A 210 3.50 3.10 16.02
C PRO A 210 2.66 1.83 15.96
N PRO A 211 3.30 0.68 15.70
CA PRO A 211 2.55 -0.55 15.46
C PRO A 211 1.76 -1.03 16.67
N GLY A 212 0.49 -1.40 16.47
CA GLY A 212 -0.40 -1.81 17.55
C GLY A 212 -1.00 -0.72 18.43
N TYR A 213 -0.65 0.55 18.17
CA TYR A 213 -1.16 1.67 18.99
C TYR A 213 -2.48 2.16 18.42
N SER A 214 -3.49 2.26 19.29
CA SER A 214 -4.82 2.72 18.94
C SER A 214 -5.01 4.14 19.52
N GLY A 215 -5.02 4.23 20.85
CA GLY A 215 -4.90 5.50 21.57
C GLY A 215 -6.15 6.31 21.86
N ALA A 216 -7.32 5.76 21.58
CA ALA A 216 -8.59 6.45 21.82
C ALA A 216 -8.78 6.85 23.30
N GLU A 217 -8.35 5.97 24.19
CA GLU A 217 -8.37 6.25 25.64
C GLU A 217 -7.44 7.39 26.09
N ASP A 218 -6.37 7.65 25.34
CA ASP A 218 -5.38 8.67 25.69
C ASP A 218 -5.88 10.06 25.31
N ILE A 219 -6.45 10.78 26.28
CA ILE A 219 -7.10 12.08 26.04
C ILE A 219 -6.39 13.28 26.65
N GLY A 220 -5.17 13.08 27.14
CA GLY A 220 -4.39 14.13 27.81
C GLY A 220 -4.38 13.97 29.32
N GLU A 221 -3.35 14.54 29.95
CA GLU A 221 -3.18 14.53 31.42
C GLU A 221 -3.44 15.93 31.96
N ASP A 222 -3.81 16.03 33.23
CA ASP A 222 -3.83 17.30 33.99
C ASP A 222 -4.69 18.40 33.34
N ARG A 223 -4.13 19.55 33.01
CA ARG A 223 -4.86 20.58 32.28
C ARG A 223 -5.12 20.14 30.84
N GLY A 224 -4.23 19.29 30.30
CA GLY A 224 -4.43 18.69 28.98
C GLY A 224 -5.54 17.67 28.83
N ARG A 225 -6.12 17.22 29.94
CA ARG A 225 -7.23 16.26 29.89
C ARG A 225 -8.39 16.83 29.08
N GLY A 226 -8.66 16.20 27.91
CA GLY A 226 -9.67 16.67 26.96
C GLY A 226 -9.13 17.52 25.81
N PHE A 227 -7.82 17.67 25.72
CA PHE A 227 -7.22 18.49 24.68
C PHE A 227 -6.25 17.64 23.84
N ASN A 228 -6.52 16.32 23.75
CA ASN A 228 -5.85 15.40 22.84
C ASN A 228 -6.88 14.37 22.39
N LEU A 229 -6.98 14.15 21.09
CA LEU A 229 -7.97 13.23 20.55
C LEU A 229 -7.34 12.34 19.49
N ASN A 230 -7.44 11.04 19.70
CA ASN A 230 -6.99 10.04 18.74
C ASN A 230 -8.19 9.36 18.10
N VAL A 231 -8.15 9.27 16.77
CA VAL A 231 -9.22 8.68 15.99
C VAL A 231 -8.59 7.53 15.21
N PRO A 232 -8.59 6.32 15.81
CA PRO A 232 -8.02 5.18 15.10
C PRO A 232 -9.05 4.60 14.13
N LEU A 233 -8.86 4.89 12.85
CA LEU A 233 -9.71 4.37 11.79
C LEU A 233 -9.32 2.95 11.44
N LEU A 234 -10.32 2.16 11.05
CA LEU A 234 -10.10 0.77 10.69
C LEU A 234 -9.38 0.72 9.37
N PRO A 235 -8.37 -0.16 9.24
CA PRO A 235 -7.66 -0.29 7.97
C PRO A 235 -8.64 -0.60 6.84
N GLY A 236 -8.32 -0.13 5.64
CA GLY A 236 -9.20 -0.29 4.48
C GLY A 236 -10.22 0.81 4.28
N GLY A 237 -10.36 1.70 5.27
CA GLY A 237 -11.19 2.87 5.14
C GLY A 237 -10.67 3.83 4.09
N GLY A 238 -11.58 4.66 3.57
CA GLY A 238 -11.25 5.67 2.58
C GLY A 238 -12.03 6.95 2.81
N HIS A 239 -12.51 7.53 1.73
CA HIS A 239 -13.11 8.88 1.70
C HIS A 239 -14.19 9.09 2.78
N ASP A 240 -15.24 8.27 2.75
CA ASP A 240 -16.33 8.39 3.71
C ASP A 240 -15.89 8.26 5.17
N ALA A 241 -14.99 7.32 5.46
CA ALA A 241 -14.48 7.17 6.83
C ALA A 241 -13.87 8.47 7.33
N TYR A 242 -13.07 9.12 6.50
CA TYR A 242 -12.43 10.39 6.88
C TYR A 242 -13.42 11.55 7.02
N MET A 243 -14.36 11.66 6.09
CA MET A 243 -15.38 12.69 6.14
C MET A 243 -16.20 12.57 7.41
N GLN A 244 -16.55 11.34 7.79
CA GLN A 244 -17.29 11.08 9.03
C GLN A 244 -16.47 11.50 10.24
N ALA A 245 -15.19 11.13 10.26
CA ALA A 245 -14.27 11.50 11.35
C ALA A 245 -14.15 13.01 11.49
N MET A 246 -14.02 13.68 10.35
CA MET A 246 -14.01 15.14 10.30
C MET A 246 -15.31 15.74 10.83
N GLN A 247 -16.44 15.23 10.36
CA GLN A 247 -17.76 15.77 10.72
C GLN A 247 -18.19 15.47 12.16
N ARG A 248 -17.84 14.30 12.66
CA ARG A 248 -18.30 13.86 13.97
C ARG A 248 -17.33 14.14 15.12
N ILE A 249 -16.02 14.19 14.83
CA ILE A 249 -14.99 14.39 15.86
C ILE A 249 -14.23 15.71 15.67
N VAL A 250 -13.60 15.88 14.50
CA VAL A 250 -12.66 16.99 14.28
C VAL A 250 -13.30 18.36 14.36
N LEU A 251 -14.38 18.57 13.62
CA LEU A 251 -15.00 19.90 13.55
C LEU A 251 -15.69 20.27 14.86
N PRO A 252 -16.44 19.33 15.47
CA PRO A 252 -17.00 19.63 16.80
C PRO A 252 -15.94 19.99 17.85
N ALA A 253 -14.82 19.26 17.83
CA ALA A 253 -13.70 19.53 18.73
C ALA A 253 -13.09 20.90 18.54
N LEU A 254 -12.87 21.28 17.29
CA LEU A 254 -12.41 22.62 16.95
C LEU A 254 -13.44 23.70 17.32
N GLU A 255 -14.71 23.41 17.08
CA GLU A 255 -15.80 24.34 17.42
C GLU A 255 -15.82 24.71 18.91
N ARG A 256 -15.58 23.73 19.78
CA ARG A 256 -15.49 23.95 21.23
C ARG A 256 -14.18 24.64 21.65
N PHE A 257 -13.07 24.26 21.02
CA PHE A 257 -11.74 24.76 21.38
C PHE A 257 -11.44 26.18 20.91
N ARG A 258 -12.10 26.62 19.83
CA ARG A 258 -11.97 27.98 19.31
C ARG A 258 -10.49 28.35 19.02
N PRO A 259 -9.87 27.65 18.06
CA PRO A 259 -8.46 27.88 17.77
C PRO A 259 -8.21 29.23 17.11
N GLN A 260 -7.12 29.88 17.50
CA GLN A 260 -6.69 31.16 16.96
C GLN A 260 -5.73 30.95 15.78
N LEU A 261 -5.20 29.73 15.69
CA LEU A 261 -4.38 29.28 14.61
C LEU A 261 -4.64 27.79 14.42
N ILE A 262 -4.68 27.35 13.16
CA ILE A 262 -4.80 25.92 12.85
C ILE A 262 -3.55 25.49 12.11
N VAL A 263 -2.97 24.38 12.56
CA VAL A 263 -1.82 23.80 11.91
C VAL A 263 -2.19 22.39 11.49
N VAL A 264 -1.89 22.05 10.23
CA VAL A 264 -2.12 20.68 9.75
C VAL A 264 -0.77 20.01 9.54
N ALA A 265 -0.58 18.87 10.21
CA ALA A 265 0.48 17.92 9.86
C ALA A 265 -0.07 17.01 8.74
N SER A 266 0.27 17.37 7.50
CA SER A 266 -0.33 16.76 6.32
C SER A 266 0.61 15.75 5.69
N GLY A 267 0.40 14.49 6.05
CA GLY A 267 0.99 13.38 5.33
C GLY A 267 -0.02 12.95 4.29
N PHE A 268 0.46 12.37 3.20
CA PHE A 268 -0.39 11.85 2.13
C PHE A 268 -0.37 10.33 2.02
N ASP A 269 0.29 9.69 2.99
CA ASP A 269 0.35 8.24 3.10
C ASP A 269 -0.99 7.52 3.40
N ALA A 270 -2.07 8.26 3.63
CA ALA A 270 -3.42 7.67 3.57
C ALA A 270 -3.96 7.46 2.15
N ASN A 271 -3.24 7.91 1.12
CA ASN A 271 -3.67 7.68 -0.27
C ASN A 271 -3.74 6.19 -0.61
N ALA A 272 -4.60 5.88 -1.57
CA ALA A 272 -4.99 4.49 -1.88
C ALA A 272 -3.89 3.60 -2.47
N VAL A 273 -2.77 4.18 -2.91
CA VAL A 273 -1.64 3.38 -3.45
C VAL A 273 -0.36 3.46 -2.62
N ASP A 274 -0.48 3.91 -1.37
CA ASP A 274 0.68 4.04 -0.51
C ASP A 274 1.08 2.67 0.03
N PRO A 275 2.38 2.35 -0.06
CA PRO A 275 2.84 1.09 0.51
C PRO A 275 2.83 1.01 2.04
N LEU A 276 2.83 2.15 2.74
CA LEU A 276 3.03 2.17 4.20
C LEU A 276 1.79 2.30 5.04
N ALA A 277 0.64 2.25 4.37
CA ALA A 277 -0.62 2.16 5.08
C ALA A 277 -1.63 1.48 4.17
N ARG A 278 -2.84 1.29 4.70
CA ARG A 278 -3.85 0.47 4.06
C ARG A 278 -5.17 1.24 3.82
N MET A 279 -5.10 2.57 3.77
CA MET A 279 -6.28 3.40 3.57
C MET A 279 -6.45 3.72 2.09
N GLN A 280 -7.60 4.30 1.75
CA GLN A 280 -8.05 4.46 0.36
C GLN A 280 -8.44 5.89 0.00
N LEU A 281 -7.60 6.86 0.33
CA LEU A 281 -7.90 8.26 0.02
C LEU A 281 -7.44 8.63 -1.37
N HIS A 282 -8.16 9.55 -1.99
CA HIS A 282 -7.79 10.11 -3.30
C HIS A 282 -7.53 11.60 -3.12
N SER A 283 -7.09 12.26 -4.19
CA SER A 283 -6.70 13.66 -4.12
C SER A 283 -7.84 14.61 -3.69
N ASP A 284 -9.07 14.36 -4.13
CA ASP A 284 -10.26 15.11 -3.67
C ASP A 284 -10.68 14.87 -2.20
N SER A 285 -10.22 13.80 -1.57
CA SER A 285 -10.38 13.61 -0.12
C SER A 285 -9.55 14.65 0.63
N PHE A 286 -8.28 14.80 0.23
CA PHE A 286 -7.40 15.81 0.82
C PHE A 286 -7.86 17.24 0.53
N ARG A 287 -8.48 17.42 -0.64
CA ARG A 287 -9.06 18.71 -1.04
C ARG A 287 -10.22 19.03 -0.11
N ALA A 288 -11.07 18.04 0.12
CA ALA A 288 -12.26 18.21 0.94
C ALA A 288 -11.90 18.46 2.39
N MET A 289 -10.91 17.71 2.88
CA MET A 289 -10.38 17.93 4.23
C MET A 289 -9.76 19.33 4.38
N THR A 290 -9.04 19.77 3.36
CA THR A 290 -8.45 21.10 3.35
C THR A 290 -9.55 22.15 3.32
N ALA A 291 -10.60 21.91 2.54
CA ALA A 291 -11.73 22.83 2.47
C ALA A 291 -12.45 22.97 3.82
N MET A 292 -12.69 21.84 4.49
CA MET A 292 -13.29 21.82 5.84
C MET A 292 -12.45 22.55 6.88
N VAL A 293 -11.14 22.32 6.86
CA VAL A 293 -10.25 22.91 7.85
C VAL A 293 -10.01 24.42 7.59
N ARG A 294 -10.11 24.84 6.33
CA ARG A 294 -10.06 26.26 5.99
C ARG A 294 -11.31 26.99 6.50
N ASP A 295 -12.47 26.36 6.32
CA ASP A 295 -13.74 26.86 6.84
C ASP A 295 -13.68 27.13 8.36
N ALA A 296 -13.09 26.20 9.12
CA ALA A 296 -12.92 26.36 10.56
C ALA A 296 -11.90 27.45 10.93
N ALA A 297 -10.85 27.58 10.13
CA ALA A 297 -9.87 28.65 10.31
C ALA A 297 -10.47 30.03 10.03
N GLU A 298 -11.32 30.10 9.00
CA GLU A 298 -12.06 31.35 8.69
C GLU A 298 -13.03 31.74 9.80
N ARG A 299 -13.62 30.74 10.45
CA ARG A 299 -14.52 30.96 11.58
C ARG A 299 -13.81 31.50 12.83
N HIS A 300 -12.84 30.76 13.35
CA HIS A 300 -12.22 31.07 14.64
C HIS A 300 -10.90 31.81 14.55
N ALA A 301 -10.11 31.51 13.51
CA ALA A 301 -8.71 31.97 13.44
C ALA A 301 -8.46 33.12 12.46
N GLY A 302 -9.53 33.73 11.94
CA GLY A 302 -9.39 34.78 10.90
C GLY A 302 -8.70 34.27 9.64
N GLY A 303 -8.97 33.01 9.28
CA GLY A 303 -8.36 32.35 8.12
C GLY A 303 -6.97 31.74 8.34
N ARG A 304 -6.35 32.00 9.49
CA ARG A 304 -4.95 31.62 9.70
C ARG A 304 -4.75 30.08 9.76
N LEU A 305 -4.20 29.53 8.68
CA LEU A 305 -4.03 28.10 8.49
C LEU A 305 -2.63 27.81 7.95
N VAL A 306 -1.95 26.82 8.52
CA VAL A 306 -0.67 26.36 8.00
C VAL A 306 -0.70 24.85 7.82
N VAL A 307 -0.20 24.40 6.66
CA VAL A 307 -0.15 23.00 6.29
C VAL A 307 1.32 22.65 6.17
N VAL A 308 1.75 21.65 6.93
CA VAL A 308 3.15 21.22 6.95
C VAL A 308 3.20 19.81 6.40
N HIS A 309 4.07 19.60 5.42
CA HIS A 309 4.18 18.32 4.74
C HIS A 309 4.85 17.29 5.65
N GLU A 310 4.26 16.11 5.75
CA GLU A 310 4.78 15.03 6.61
C GLU A 310 5.12 13.78 5.76
N GLY A 311 4.36 12.69 5.88
CA GLY A 311 4.63 11.48 5.12
C GLY A 311 3.96 11.48 3.75
N GLY A 312 3.98 10.31 3.12
CA GLY A 312 3.55 10.13 1.72
C GLY A 312 4.66 9.44 0.97
N TYR A 313 4.42 8.22 0.52
CA TYR A 313 5.48 7.40 -0.07
C TYR A 313 5.25 6.90 -1.49
N SER A 314 4.09 7.22 -2.07
CA SER A 314 3.82 6.95 -3.46
C SER A 314 4.41 8.04 -4.34
N GLU A 315 5.49 7.72 -5.04
CA GLU A 315 6.06 8.60 -6.06
C GLU A 315 5.00 9.07 -7.06
N ALA A 316 4.20 8.12 -7.55
CA ALA A 316 3.24 8.41 -8.59
C ALA A 316 2.11 9.31 -8.11
N TYR A 317 1.56 9.04 -6.94
CA TYR A 317 0.28 9.65 -6.56
C TYR A 317 0.34 10.80 -5.57
N VAL A 318 1.37 10.86 -4.74
CA VAL A 318 1.49 11.94 -3.76
C VAL A 318 1.46 13.31 -4.43
N PRO A 319 2.12 13.49 -5.59
CA PRO A 319 2.12 14.82 -6.20
C PRO A 319 0.75 15.38 -6.48
N PHE A 320 -0.18 14.52 -6.88
CA PHE A 320 -1.56 14.95 -7.14
C PHE A 320 -2.32 15.30 -5.85
N CYS A 321 -2.08 14.52 -4.80
CA CYS A 321 -2.76 14.75 -3.53
C CYS A 321 -2.33 16.07 -2.91
N GLY A 322 -1.02 16.32 -2.90
CA GLY A 322 -0.50 17.61 -2.42
C GLY A 322 -0.94 18.78 -3.27
N LEU A 323 -0.97 18.59 -4.59
CA LEU A 323 -1.44 19.65 -5.48
C LEU A 323 -2.88 20.03 -5.19
N ALA A 324 -3.74 19.06 -4.89
CA ALA A 324 -5.13 19.34 -4.51
C ALA A 324 -5.25 20.18 -3.24
N VAL A 325 -4.36 19.95 -2.27
CA VAL A 325 -4.35 20.71 -1.02
C VAL A 325 -4.02 22.16 -1.34
N ILE A 326 -2.95 22.35 -2.08
CA ILE A 326 -2.45 23.69 -2.38
C ILE A 326 -3.42 24.49 -3.26
N GLU A 327 -4.17 23.83 -4.13
CA GLU A 327 -5.24 24.48 -4.91
C GLU A 327 -6.33 24.99 -3.98
N GLU A 328 -6.70 24.16 -3.00
CA GLU A 328 -7.67 24.53 -1.99
C GLU A 328 -7.22 25.68 -1.10
N LEU A 329 -5.95 25.66 -0.67
CA LEU A 329 -5.39 26.75 0.10
C LEU A 329 -5.37 28.07 -0.66
N SER A 330 -4.84 28.03 -1.88
CA SER A 330 -4.72 29.21 -2.72
C SER A 330 -6.05 29.68 -3.31
N GLY A 331 -7.01 28.77 -3.46
CA GLY A 331 -8.25 29.06 -4.18
C GLY A 331 -8.04 29.12 -5.70
N VAL A 332 -6.92 28.54 -6.17
CA VAL A 332 -6.55 28.54 -7.57
C VAL A 332 -6.67 27.12 -8.07
N ARG A 333 -7.52 26.92 -9.07
CA ARG A 333 -7.73 25.62 -9.67
C ARG A 333 -6.89 25.54 -10.94
N SER A 334 -5.95 24.59 -10.99
CA SER A 334 -5.13 24.38 -12.19
C SER A 334 -5.85 23.46 -13.17
N ALA A 335 -5.23 23.25 -14.33
CA ALA A 335 -5.74 22.34 -15.35
C ALA A 335 -5.50 20.87 -15.04
N VAL A 336 -4.67 20.57 -14.03
CA VAL A 336 -4.31 19.18 -13.73
C VAL A 336 -5.54 18.39 -13.33
N ARG A 337 -5.65 17.16 -13.85
CA ARG A 337 -6.73 16.25 -13.53
C ARG A 337 -6.15 14.95 -12.96
N ASP A 338 -6.61 14.55 -11.78
CA ASP A 338 -6.17 13.33 -11.10
C ASP A 338 -6.52 12.09 -11.94
N PRO A 339 -5.50 11.38 -12.45
CA PRO A 339 -5.79 10.19 -13.27
C PRO A 339 -6.30 8.96 -12.51
N LEU A 340 -6.13 8.89 -11.19
CA LEU A 340 -6.58 7.73 -10.38
C LEU A 340 -7.92 7.93 -9.66
N ARG A 341 -8.44 9.15 -9.68
CA ARG A 341 -9.64 9.55 -8.94
C ARG A 341 -10.82 8.61 -9.19
N ASP A 342 -11.14 8.41 -10.46
CA ASP A 342 -12.32 7.62 -10.83
C ASP A 342 -12.12 6.14 -10.47
N PHE A 343 -10.90 5.66 -10.70
CA PHE A 343 -10.52 4.29 -10.32
C PHE A 343 -10.65 4.07 -8.81
N ILE A 344 -10.11 5.01 -8.02
CA ILE A 344 -10.12 4.88 -6.55
C ILE A 344 -11.54 4.93 -5.97
N GLU A 345 -12.40 5.80 -6.51
CA GLU A 345 -13.85 5.79 -6.20
C GLU A 345 -14.49 4.41 -6.25
N LEU A 346 -14.18 3.64 -7.28
CA LEU A 346 -14.77 2.31 -7.46
C LEU A 346 -14.28 1.30 -6.42
N GLN A 347 -13.09 1.54 -5.86
CA GLN A 347 -12.50 0.66 -4.86
C GLN A 347 -12.95 0.91 -3.42
N GLN A 348 -13.79 1.91 -3.18
CA GLN A 348 -14.13 2.32 -1.82
C GLN A 348 -14.88 1.23 -1.06
N PRO A 349 -14.84 1.27 0.28
CA PRO A 349 -15.61 0.30 1.08
C PRO A 349 -17.08 0.21 0.70
N ASN A 350 -17.66 -0.99 0.78
CA ASN A 350 -19.11 -1.15 0.53
C ASN A 350 -19.93 -0.51 1.65
N ALA A 351 -21.23 -0.39 1.41
CA ALA A 351 -22.14 0.27 2.34
C ALA A 351 -22.08 -0.30 3.75
N ALA A 352 -22.08 -1.63 3.86
CA ALA A 352 -22.07 -2.28 5.17
C ALA A 352 -20.80 -1.99 5.95
N PHE A 353 -19.66 -1.92 5.26
CA PHE A 353 -18.38 -1.60 5.89
C PHE A 353 -18.35 -0.12 6.29
N ARG A 354 -18.83 0.75 5.40
CA ARG A 354 -18.96 2.18 5.71
C ARG A 354 -19.78 2.40 6.98
N ASP A 355 -20.93 1.74 7.04
CA ASP A 355 -21.84 1.84 8.19
C ASP A 355 -21.22 1.28 9.48
N PHE A 356 -20.46 0.20 9.36
CA PHE A 356 -19.73 -0.35 10.50
C PHE A 356 -18.72 0.67 11.05
N GLN A 357 -17.98 1.32 10.16
CA GLN A 357 -17.01 2.34 10.56
C GLN A 357 -17.71 3.59 11.12
N ARG A 358 -18.86 3.93 10.54
CA ARG A 358 -19.66 5.08 10.97
C ARG A 358 -20.17 4.90 12.41
N GLN A 359 -20.70 3.72 12.70
CA GLN A 359 -21.15 3.37 14.05
C GLN A 359 -20.04 3.52 15.09
N ARG A 360 -18.83 3.11 14.74
CA ARG A 360 -17.68 3.24 15.65
C ARG A 360 -17.28 4.68 15.92
N LEU A 361 -17.38 5.53 14.90
CA LEU A 361 -17.09 6.97 15.05
C LEU A 361 -18.13 7.68 15.89
N GLU A 362 -19.40 7.32 15.73
CA GLU A 362 -20.48 7.81 16.60
C GLU A 362 -20.23 7.42 18.05
N GLU A 363 -19.74 6.19 18.27
CA GLU A 363 -19.41 5.68 19.61
C GLU A 363 -18.21 6.41 20.21
N LEU A 364 -17.23 6.71 19.37
CA LEU A 364 -16.07 7.47 19.79
C LEU A 364 -16.43 8.92 20.14
N ALA A 365 -17.33 9.50 19.33
CA ALA A 365 -17.82 10.86 19.57
C ALA A 365 -18.44 10.98 20.96
N ALA A 366 -19.31 10.02 21.30
CA ALA A 366 -19.93 9.94 22.63
C ALA A 366 -18.92 9.74 23.76
N GLN A 367 -17.90 8.91 23.53
CA GLN A 367 -16.80 8.74 24.49
C GLN A 367 -16.06 10.06 24.77
N PHE A 368 -15.83 10.85 23.72
CA PHE A 368 -15.20 12.17 23.89
C PHE A 368 -16.14 13.23 24.45
N GLY A 369 -17.45 12.97 24.44
CA GLY A 369 -18.44 13.92 24.92
C GLY A 369 -18.54 15.07 23.95
N LEU A 370 -18.45 14.76 22.65
CA LEU A 370 -18.13 15.79 21.67
C LEU A 370 -19.27 16.65 21.11
N CYS A 371 -20.49 16.14 21.06
CA CYS A 371 -21.67 16.95 20.62
C CYS A 371 -21.65 17.30 19.13
N PRO A 372 -22.54 16.67 18.33
CA PRO A 372 -22.61 16.99 16.90
C PRO A 372 -23.46 18.24 16.61
N ALA A 373 -22.93 19.42 16.96
CA ALA A 373 -23.50 20.67 16.50
C ALA A 373 -22.94 20.95 15.11
N GLN A 374 -23.64 21.78 14.34
CA GLN A 374 -23.12 22.26 13.05
C GLN A 374 -22.25 23.50 13.26
N PRO A 375 -21.39 23.82 12.26
CA PRO A 375 -20.57 25.05 12.28
C PRO A 375 -21.39 26.33 12.48
N LEU A 376 -20.85 27.30 13.23
CA LEU A 376 -21.54 28.57 13.48
C LEU A 376 -20.57 29.74 13.59
N ARG B 3 10.18 -34.75 0.40
CA ARG B 3 9.36 -34.21 -0.74
C ARG B 3 10.24 -33.66 -1.85
N ARG B 4 9.93 -34.04 -3.10
CA ARG B 4 10.54 -33.42 -4.28
C ARG B 4 9.67 -32.26 -4.73
N THR B 5 10.27 -31.06 -4.79
CA THR B 5 9.60 -29.87 -5.27
C THR B 5 10.35 -29.34 -6.49
N ALA B 6 9.66 -29.26 -7.62
CA ALA B 6 10.22 -28.69 -8.85
C ALA B 6 10.03 -27.19 -8.85
N PHE B 7 11.03 -26.47 -9.34
CA PHE B 7 11.01 -25.02 -9.44
C PHE B 7 11.21 -24.65 -10.90
N PHE B 8 10.14 -24.16 -11.52
CA PHE B 8 10.18 -23.81 -12.94
C PHE B 8 10.44 -22.33 -13.10
N PHE B 9 11.56 -22.02 -13.72
CA PHE B 9 12.03 -20.66 -13.85
C PHE B 9 12.84 -20.56 -15.13
N ASP B 10 12.82 -19.38 -15.76
CA ASP B 10 13.76 -19.05 -16.81
C ASP B 10 14.13 -17.59 -16.72
N GLU B 11 15.43 -17.30 -16.81
CA GLU B 11 15.98 -15.94 -16.77
C GLU B 11 15.28 -15.00 -17.73
N LEU B 12 14.95 -15.50 -18.92
CA LEU B 12 14.35 -14.67 -19.96
C LEU B 12 13.01 -14.04 -19.56
N CYS B 13 12.25 -14.71 -18.69
CA CYS B 13 11.00 -14.16 -18.16
C CYS B 13 11.15 -12.82 -17.47
N LEU B 14 12.32 -12.59 -16.91
CA LEU B 14 12.65 -11.33 -16.27
C LEU B 14 13.04 -10.22 -17.25
N TRP B 15 13.21 -10.56 -18.54
CA TRP B 15 13.55 -9.57 -19.57
C TRP B 15 12.32 -8.88 -20.23
N HIS B 16 11.11 -9.39 -19.99
CA HIS B 16 9.88 -8.74 -20.49
C HIS B 16 9.72 -7.39 -19.80
N ALA B 17 9.71 -6.31 -20.59
CA ALA B 17 9.65 -4.96 -20.06
C ALA B 17 8.78 -4.07 -20.96
N ALA B 18 7.73 -3.51 -20.39
CA ALA B 18 6.85 -2.59 -21.10
C ALA B 18 7.46 -1.18 -21.09
N GLY B 19 6.71 -0.19 -21.58
CA GLY B 19 7.17 1.20 -21.63
C GLY B 19 7.27 1.88 -20.27
N PRO B 20 7.73 3.16 -20.24
CA PRO B 20 7.83 3.89 -18.97
C PRO B 20 6.50 4.11 -18.27
N HIS B 21 6.47 3.82 -16.97
CA HIS B 21 5.30 4.02 -16.12
C HIS B 21 5.72 4.54 -14.75
N ALA B 22 4.82 5.26 -14.09
CA ALA B 22 4.97 5.54 -12.67
C ALA B 22 3.93 4.69 -11.97
N LEU B 23 4.38 3.63 -11.31
CA LEU B 23 3.50 2.60 -10.73
C LEU B 23 2.65 1.99 -11.88
N THR B 24 1.33 2.19 -11.89
CA THR B 24 0.47 1.67 -12.97
C THR B 24 0.19 2.70 -14.07
N LEU B 25 0.53 3.96 -13.84
CA LEU B 25 0.18 5.04 -14.76
C LEU B 25 1.20 5.14 -15.88
N PRO B 26 0.73 5.13 -17.15
CA PRO B 26 1.63 5.47 -18.26
C PRO B 26 2.23 6.84 -18.09
N VAL B 27 3.50 7.00 -18.46
CA VAL B 27 4.16 8.29 -18.48
C VAL B 27 3.59 9.10 -19.63
N GLY B 28 3.59 10.43 -19.47
CA GLY B 28 3.03 11.37 -20.42
C GLY B 28 1.92 12.16 -19.77
N GLY B 29 1.69 13.36 -20.27
CA GLY B 29 0.69 14.26 -19.72
C GLY B 29 1.18 14.79 -18.39
N TRP B 30 0.34 14.67 -17.37
CA TRP B 30 0.69 15.15 -16.02
C TRP B 30 1.55 14.15 -15.23
N VAL B 31 1.74 12.93 -15.74
CA VAL B 31 2.58 11.94 -15.09
C VAL B 31 4.02 12.09 -15.54
N GLN B 32 4.85 12.64 -14.65
CA GLN B 32 6.26 12.86 -14.91
C GLN B 32 6.99 11.51 -15.03
N PRO B 33 8.01 11.43 -15.92
CA PRO B 33 8.79 10.19 -15.98
C PRO B 33 9.58 9.96 -14.69
N PRO B 34 9.50 8.74 -14.11
CA PRO B 34 10.29 8.43 -12.92
C PRO B 34 11.80 8.57 -13.14
N ALA B 35 12.51 8.99 -12.11
CA ALA B 35 13.97 9.09 -12.15
C ALA B 35 14.60 7.71 -12.23
N ALA B 36 13.96 6.75 -11.56
CA ALA B 36 14.40 5.35 -11.57
C ALA B 36 13.27 4.39 -11.93
N ALA B 37 12.28 4.29 -11.03
CA ALA B 37 11.36 3.14 -10.93
C ALA B 37 11.06 2.37 -12.24
N GLY B 38 10.22 2.94 -13.10
CA GLY B 38 9.79 2.31 -14.37
C GLY B 38 8.45 1.62 -14.57
N HIS B 39 8.14 0.63 -13.75
CA HIS B 39 6.82 -0.05 -13.78
C HIS B 39 6.60 -0.82 -12.47
N ALA B 40 5.33 -1.05 -12.11
CA ALA B 40 5.00 -1.88 -10.93
C ALA B 40 5.25 -3.38 -11.17
N GLU B 41 4.54 -3.97 -12.13
CA GLU B 41 4.89 -5.33 -12.69
C GLU B 41 6.30 -5.28 -13.31
N SER B 42 7.27 -5.37 -12.41
CA SER B 42 8.68 -5.13 -12.71
C SER B 42 9.42 -6.45 -12.60
N PRO B 43 10.57 -6.59 -13.30
CA PRO B 43 11.40 -7.78 -13.09
C PRO B 43 11.87 -7.98 -11.66
N GLU B 44 12.09 -6.88 -10.94
CA GLU B 44 12.80 -6.91 -9.66
C GLU B 44 12.09 -7.67 -8.55
N THR B 45 10.76 -7.61 -8.50
CA THR B 45 10.03 -8.41 -7.54
C THR B 45 10.36 -9.89 -7.69
N LYS B 46 10.32 -10.38 -8.92
CA LYS B 46 10.60 -11.78 -9.22
C LYS B 46 12.08 -12.09 -9.12
N ARG B 47 12.91 -11.15 -9.56
CA ARG B 47 14.38 -11.31 -9.49
C ARG B 47 14.88 -11.43 -8.06
N ARG B 48 14.38 -10.59 -7.17
CA ARG B 48 14.77 -10.62 -5.77
C ARG B 48 14.31 -11.90 -5.07
N LEU B 49 13.14 -12.43 -5.43
CA LEU B 49 12.69 -13.71 -4.88
C LEU B 49 13.68 -14.81 -5.24
N LYS B 50 14.04 -14.86 -6.53
CA LYS B 50 14.98 -15.82 -7.05
C LYS B 50 16.35 -15.72 -6.34
N SER B 51 16.85 -14.49 -6.22
CA SER B 51 18.11 -14.19 -5.52
C SER B 51 18.08 -14.66 -4.07
N LEU B 52 16.95 -14.44 -3.41
CA LEU B 52 16.81 -14.86 -2.02
C LEU B 52 16.80 -16.37 -1.91
N LEU B 53 16.09 -17.05 -2.81
CA LEU B 53 16.09 -18.53 -2.83
C LEU B 53 17.47 -19.09 -3.03
N ASP B 54 18.22 -18.48 -3.95
CA ASP B 54 19.63 -18.81 -4.15
C ASP B 54 20.43 -18.59 -2.87
N VAL B 55 20.34 -17.39 -2.33
CA VAL B 55 21.17 -16.99 -1.18
C VAL B 55 20.82 -17.73 0.12
N SER B 56 19.54 -18.10 0.25
CA SER B 56 19.08 -18.93 1.36
C SER B 56 19.56 -20.38 1.31
N GLY B 57 20.00 -20.86 0.15
CA GLY B 57 20.33 -22.27 -0.05
C GLY B 57 19.17 -23.11 -0.59
N LEU B 58 17.97 -22.54 -0.62
CA LEU B 58 16.76 -23.28 -0.91
C LEU B 58 16.74 -23.79 -2.34
N THR B 59 17.21 -22.97 -3.28
CA THR B 59 17.33 -23.37 -4.68
C THR B 59 18.08 -24.71 -4.83
N ALA B 60 19.18 -24.86 -4.09
CA ALA B 60 19.97 -26.12 -4.10
C ALA B 60 19.21 -27.38 -3.67
N ARG B 61 18.16 -27.20 -2.86
CA ARG B 61 17.30 -28.30 -2.42
C ARG B 61 16.02 -28.49 -3.27
N LEU B 62 15.94 -27.85 -4.43
CA LEU B 62 14.80 -27.98 -5.34
C LEU B 62 15.28 -28.54 -6.67
N GLN B 63 14.34 -29.07 -7.46
CA GLN B 63 14.64 -29.53 -8.82
C GLN B 63 14.46 -28.35 -9.77
N LEU B 64 15.57 -27.72 -10.15
CA LEU B 64 15.54 -26.56 -11.04
C LEU B 64 15.29 -26.99 -12.45
N ARG B 65 14.23 -26.46 -13.05
CA ARG B 65 13.85 -26.82 -14.39
C ARG B 65 13.54 -25.58 -15.19
N SER B 66 13.84 -25.62 -16.49
CA SER B 66 13.24 -24.70 -17.43
C SER B 66 12.17 -25.49 -18.21
N ALA B 67 11.67 -24.93 -19.30
CA ALA B 67 10.70 -25.63 -20.14
C ALA B 67 10.70 -25.04 -21.54
N PRO B 68 10.22 -25.82 -22.52
CA PRO B 68 10.02 -25.24 -23.86
C PRO B 68 8.80 -24.31 -23.83
N PRO B 69 8.77 -23.29 -24.70
CA PRO B 69 7.60 -22.42 -24.71
C PRO B 69 6.31 -23.18 -25.08
N ALA B 70 5.16 -22.59 -24.76
CA ALA B 70 3.87 -23.20 -25.10
C ALA B 70 3.72 -23.28 -26.62
N SER B 71 3.29 -24.45 -27.09
CA SER B 71 3.02 -24.68 -28.50
C SER B 71 1.71 -23.99 -28.89
N ASP B 72 1.49 -23.85 -30.19
CA ASP B 72 0.25 -23.25 -30.69
C ASP B 72 -0.96 -24.09 -30.31
N GLU B 73 -0.84 -25.41 -30.42
CA GLU B 73 -1.87 -26.35 -29.98
C GLU B 73 -2.32 -26.09 -28.53
N ASP B 74 -1.35 -25.91 -27.64
CA ASP B 74 -1.62 -25.60 -26.22
C ASP B 74 -2.34 -24.26 -26.06
N LEU B 75 -1.85 -23.24 -26.76
CA LEU B 75 -2.42 -21.89 -26.65
C LEU B 75 -3.83 -21.79 -27.25
N LEU B 76 -4.05 -22.49 -28.36
CA LEU B 76 -5.35 -22.49 -29.05
C LEU B 76 -6.46 -23.21 -28.29
N ARG B 77 -6.13 -24.10 -27.36
CA ARG B 77 -7.13 -24.71 -26.46
C ARG B 77 -7.89 -23.66 -25.63
N VAL B 78 -7.26 -22.52 -25.38
CA VAL B 78 -7.86 -21.41 -24.62
C VAL B 78 -8.09 -20.16 -25.48
N HIS B 79 -7.11 -19.77 -26.29
CA HIS B 79 -7.13 -18.51 -27.03
C HIS B 79 -7.44 -18.73 -28.51
N PRO B 80 -8.34 -17.90 -29.07
CA PRO B 80 -8.51 -17.87 -30.53
C PRO B 80 -7.23 -17.51 -31.28
N ALA B 81 -7.08 -18.08 -32.48
CA ALA B 81 -5.94 -17.81 -33.36
C ALA B 81 -5.74 -16.31 -33.64
N HIS B 82 -6.84 -15.61 -33.85
CA HIS B 82 -6.79 -14.15 -34.09
C HIS B 82 -6.20 -13.34 -32.92
N TYR B 83 -6.37 -13.83 -31.69
CA TYR B 83 -5.68 -13.21 -30.54
C TYR B 83 -4.16 -13.41 -30.62
N LEU B 84 -3.74 -14.65 -30.91
CA LEU B 84 -2.31 -14.99 -31.09
C LEU B 84 -1.61 -14.16 -32.17
N GLU B 85 -2.28 -13.95 -33.31
CA GLU B 85 -1.68 -13.19 -34.41
C GLU B 85 -1.57 -11.70 -34.09
N ARG B 86 -2.63 -11.17 -33.48
CA ARG B 86 -2.67 -9.76 -33.09
C ARG B 86 -1.56 -9.43 -32.11
N PHE B 87 -1.44 -10.27 -31.08
CA PHE B 87 -0.39 -10.14 -30.06
C PHE B 87 1.00 -10.24 -30.69
N LYS B 88 1.23 -11.29 -31.48
CA LYS B 88 2.51 -11.49 -32.18
C LYS B 88 2.87 -10.29 -33.04
N ALA B 89 1.89 -9.80 -33.80
CA ALA B 89 2.08 -8.65 -34.71
C ALA B 89 2.60 -7.41 -33.97
N LEU B 90 2.00 -7.11 -32.81
CA LEU B 90 2.39 -5.93 -32.02
C LEU B 90 3.75 -6.12 -31.35
N SER B 91 4.00 -7.30 -30.82
CA SER B 91 5.29 -7.65 -30.23
C SER B 91 6.42 -7.59 -31.26
N ASP B 92 6.16 -8.15 -32.44
CA ASP B 92 7.09 -8.04 -33.60
C ASP B 92 7.33 -6.60 -34.02
N ALA B 93 6.27 -5.79 -34.03
CA ALA B 93 6.35 -4.37 -34.43
C ALA B 93 7.12 -3.46 -33.47
N GLY B 94 7.38 -3.91 -32.24
CA GLY B 94 8.10 -3.12 -31.24
C GLY B 94 7.34 -2.75 -29.99
N GLY B 95 6.28 -3.50 -29.66
CA GLY B 95 5.50 -3.26 -28.45
C GLY B 95 4.40 -2.24 -28.60
N GLY B 96 3.73 -1.92 -27.49
CA GLY B 96 2.57 -1.02 -27.48
C GLY B 96 1.54 -1.49 -26.47
N SER B 97 0.26 -1.27 -26.77
CA SER B 97 -0.86 -1.62 -25.88
C SER B 97 -1.77 -2.68 -26.49
N LEU B 98 -1.93 -3.81 -25.81
CA LEU B 98 -2.96 -4.81 -26.14
C LEU B 98 -4.31 -4.43 -25.53
N GLY B 99 -4.25 -3.75 -24.40
CA GLY B 99 -5.41 -3.08 -23.79
C GLY B 99 -4.89 -2.09 -22.79
N GLN B 100 -5.78 -1.34 -22.14
CA GLN B 100 -5.37 -0.53 -20.99
C GLN B 100 -5.11 -1.51 -19.85
N ASP B 101 -4.07 -1.23 -19.07
CA ASP B 101 -3.54 -2.14 -18.04
C ASP B 101 -2.89 -3.39 -18.67
N ALA B 102 -2.47 -3.29 -19.93
CA ALA B 102 -1.85 -4.40 -20.66
C ALA B 102 -0.89 -3.86 -21.73
N PRO B 103 0.21 -3.20 -21.31
CA PRO B 103 1.27 -2.77 -22.21
C PRO B 103 2.31 -3.88 -22.42
N ILE B 104 2.89 -3.92 -23.62
CA ILE B 104 3.92 -4.91 -23.97
C ILE B 104 5.13 -4.23 -24.59
N GLY B 105 6.29 -4.89 -24.46
CA GLY B 105 7.51 -4.45 -25.12
C GLY B 105 7.82 -5.31 -26.33
N PRO B 106 8.90 -4.98 -27.06
CA PRO B 106 9.36 -5.85 -28.15
C PRO B 106 9.74 -7.24 -27.65
N GLY B 107 9.30 -8.28 -28.38
CA GLY B 107 9.58 -9.66 -28.00
C GLY B 107 8.79 -10.21 -26.85
N SER B 108 7.77 -9.48 -26.37
CA SER B 108 6.92 -9.95 -25.27
C SER B 108 6.12 -11.21 -25.62
N TYR B 109 5.87 -11.43 -26.91
CA TYR B 109 5.16 -12.63 -27.39
C TYR B 109 5.91 -13.91 -27.02
N GLU B 110 7.21 -13.91 -27.27
CA GLU B 110 8.04 -15.08 -27.02
C GLU B 110 8.18 -15.32 -25.52
N ILE B 111 8.23 -14.24 -24.76
CA ILE B 111 8.42 -14.33 -23.32
C ILE B 111 7.13 -14.82 -22.66
N ALA B 112 5.97 -14.29 -23.09
CA ALA B 112 4.66 -14.79 -22.61
C ALA B 112 4.44 -16.27 -22.91
N ARG B 113 4.80 -16.69 -24.12
CA ARG B 113 4.78 -18.13 -24.47
C ARG B 113 5.63 -18.96 -23.52
N LEU B 114 6.83 -18.46 -23.22
CA LEU B 114 7.73 -19.11 -22.29
C LEU B 114 7.08 -19.21 -20.90
N SER B 115 6.49 -18.11 -20.45
CA SER B 115 5.78 -18.05 -19.17
C SER B 115 4.68 -19.11 -19.10
N ALA B 116 3.89 -19.21 -20.16
CA ALA B 116 2.84 -20.25 -20.25
C ALA B 116 3.45 -21.64 -20.28
N GLY B 117 4.53 -21.79 -21.07
CA GLY B 117 5.32 -23.04 -21.12
C GLY B 117 5.72 -23.56 -19.76
N LEU B 118 6.17 -22.66 -18.89
CA LEU B 118 6.57 -23.04 -17.54
C LEU B 118 5.38 -23.56 -16.73
N ALA B 119 4.20 -22.96 -16.90
CA ALA B 119 2.99 -23.44 -16.22
C ALA B 119 2.57 -24.81 -16.74
N ILE B 120 2.61 -24.98 -18.06
CA ILE B 120 2.32 -26.28 -18.68
C ILE B 120 3.21 -27.36 -18.06
N ALA B 121 4.53 -27.12 -18.13
CA ALA B 121 5.55 -28.06 -17.64
C ALA B 121 5.40 -28.42 -16.16
N ALA B 122 5.00 -27.45 -15.34
CA ALA B 122 4.81 -27.67 -13.91
C ALA B 122 3.72 -28.69 -13.63
N LEU B 123 2.56 -28.48 -14.24
CA LEU B 123 1.42 -29.43 -14.10
C LEU B 123 1.81 -30.81 -14.62
N ASP B 124 2.40 -30.83 -15.81
CA ASP B 124 2.91 -32.06 -16.43
C ASP B 124 3.80 -32.85 -15.46
N ALA B 125 4.80 -32.17 -14.92
CA ALA B 125 5.78 -32.81 -14.05
C ALA B 125 5.13 -33.41 -12.79
N VAL B 126 4.14 -32.71 -12.22
CA VAL B 126 3.48 -33.23 -11.02
C VAL B 126 2.59 -34.42 -11.38
N LEU B 127 1.87 -34.32 -12.49
CA LEU B 127 1.01 -35.42 -12.94
C LEU B 127 1.79 -36.66 -13.40
N ALA B 128 3.00 -36.48 -13.93
CA ALA B 128 3.86 -37.60 -14.34
C ALA B 128 4.64 -38.28 -13.18
N GLY B 129 4.54 -37.73 -11.96
CA GLY B 129 5.25 -38.28 -10.80
C GLY B 129 6.72 -37.88 -10.69
N GLU B 130 7.16 -36.92 -11.51
CA GLU B 130 8.53 -36.42 -11.47
C GLU B 130 8.78 -35.60 -10.20
N ALA B 131 7.74 -34.92 -9.72
CA ALA B 131 7.79 -34.18 -8.46
C ALA B 131 6.50 -34.40 -7.70
N ASP B 132 6.57 -34.27 -6.38
CA ASP B 132 5.40 -34.32 -5.51
C ASP B 132 4.56 -33.05 -5.67
N ASN B 133 5.24 -31.91 -5.77
CA ASN B 133 4.59 -30.62 -6.05
C ASN B 133 5.53 -29.70 -6.82
N ALA B 134 5.05 -28.54 -7.23
CA ALA B 134 5.89 -27.64 -8.02
C ALA B 134 5.49 -26.17 -7.90
N TYR B 135 6.46 -25.31 -8.17
CA TYR B 135 6.30 -23.87 -8.16
C TYR B 135 6.78 -23.38 -9.50
N SER B 136 5.94 -22.60 -10.18
CA SER B 136 6.31 -22.02 -11.46
C SER B 136 6.43 -20.51 -11.30
N LEU B 137 7.63 -19.97 -11.51
CA LEU B 137 7.84 -18.52 -11.46
C LEU B 137 7.50 -17.92 -12.81
N SER B 138 6.21 -17.91 -13.12
CA SER B 138 5.71 -17.46 -14.42
C SER B 138 5.63 -15.94 -14.44
N ARG B 139 6.43 -15.30 -15.29
CA ARG B 139 6.28 -13.89 -15.62
C ARG B 139 6.36 -13.75 -17.14
N PRO B 140 5.40 -13.10 -17.81
CA PRO B 140 4.24 -12.39 -17.23
C PRO B 140 3.14 -13.28 -16.65
N PRO B 141 2.34 -12.72 -15.71
CA PRO B 141 1.25 -13.44 -15.06
C PRO B 141 0.05 -13.70 -16.00
N GLY B 142 -0.91 -14.51 -15.55
CA GLY B 142 -2.01 -14.96 -16.41
C GLY B 142 -3.47 -14.87 -15.95
N HIS B 143 -3.71 -14.70 -14.65
CA HIS B 143 -5.04 -14.94 -14.09
C HIS B 143 -6.13 -13.93 -14.47
N HIS B 144 -5.74 -12.77 -14.99
CA HIS B 144 -6.68 -11.78 -15.51
C HIS B 144 -6.99 -11.96 -16.98
N CYS B 145 -6.09 -12.62 -17.71
CA CYS B 145 -6.22 -12.74 -19.15
C CYS B 145 -7.49 -13.47 -19.58
N LEU B 146 -8.28 -12.81 -20.44
CA LEU B 146 -9.44 -13.44 -21.08
C LEU B 146 -8.99 -14.08 -22.39
N PRO B 147 -9.82 -14.97 -22.99
CA PRO B 147 -9.44 -15.64 -24.24
C PRO B 147 -9.02 -14.71 -25.38
N ASP B 148 -9.70 -13.58 -25.55
CA ASP B 148 -9.38 -12.60 -26.59
C ASP B 148 -9.22 -11.19 -26.04
N GLN B 149 -8.92 -11.06 -24.75
CA GLN B 149 -8.53 -9.76 -24.19
C GLN B 149 -7.49 -9.88 -23.07
N ALA B 150 -6.36 -9.19 -23.28
CA ALA B 150 -5.32 -9.03 -22.27
C ALA B 150 -5.70 -7.91 -21.31
N MET B 151 -5.66 -8.20 -20.02
CA MET B 151 -5.86 -7.16 -19.01
C MET B 151 -5.06 -7.49 -17.76
N GLY B 152 -4.81 -6.45 -16.96
CA GLY B 152 -4.09 -6.60 -15.70
C GLY B 152 -2.69 -7.16 -15.84
N PHE B 153 -1.98 -6.73 -16.88
CA PHE B 153 -0.61 -7.17 -17.18
C PHE B 153 -0.51 -8.68 -17.49
N CYS B 154 -1.62 -9.29 -17.88
CA CYS B 154 -1.69 -10.71 -18.21
C CYS B 154 -2.02 -10.90 -19.69
N PHE B 155 -1.22 -11.71 -20.38
CA PHE B 155 -1.29 -11.85 -21.84
C PHE B 155 -1.63 -13.25 -22.36
N PHE B 156 -1.44 -14.27 -21.54
CA PHE B 156 -2.04 -15.58 -21.74
C PHE B 156 -2.58 -16.07 -20.40
N ALA B 157 -3.73 -16.74 -20.42
CA ALA B 157 -4.27 -17.46 -19.27
C ALA B 157 -3.44 -18.72 -18.96
N ASN B 158 -2.27 -18.46 -18.38
CA ASN B 158 -1.25 -19.47 -18.10
C ASN B 158 -1.82 -20.71 -17.42
N ILE B 159 -2.61 -20.50 -16.36
CA ILE B 159 -3.19 -21.62 -15.60
C ILE B 159 -4.23 -22.41 -16.42
N ALA B 160 -5.05 -21.69 -17.18
CA ALA B 160 -6.04 -22.35 -18.05
C ALA B 160 -5.35 -23.15 -19.15
N VAL B 161 -4.34 -22.56 -19.79
CA VAL B 161 -3.56 -23.28 -20.80
C VAL B 161 -2.90 -24.53 -20.20
N ALA B 162 -2.34 -24.40 -19.01
CA ALA B 162 -1.69 -25.53 -18.36
C ALA B 162 -2.68 -26.63 -17.98
N ILE B 163 -3.87 -26.24 -17.52
CA ILE B 163 -4.93 -27.20 -17.16
C ILE B 163 -5.45 -27.94 -18.39
N GLU B 164 -5.67 -27.25 -19.50
CA GLU B 164 -6.16 -27.89 -20.71
C GLU B 164 -5.16 -28.90 -21.26
N ALA B 165 -3.88 -28.51 -21.29
CA ALA B 165 -2.81 -29.39 -21.73
C ALA B 165 -2.67 -30.60 -20.81
N ALA B 166 -2.90 -30.41 -19.52
CA ALA B 166 -2.93 -31.50 -18.53
C ALA B 166 -4.06 -32.50 -18.76
N LYS B 167 -5.26 -31.98 -19.00
CA LYS B 167 -6.43 -32.84 -19.29
C LYS B 167 -6.22 -33.60 -20.62
N ALA B 168 -5.79 -32.90 -21.67
CA ALA B 168 -5.47 -33.51 -22.96
C ALA B 168 -4.41 -34.60 -22.88
N ARG B 169 -3.33 -34.37 -22.12
CA ARG B 169 -2.25 -35.34 -21.97
C ARG B 169 -2.57 -36.47 -20.97
N HIS B 170 -3.02 -36.13 -19.76
CA HIS B 170 -3.16 -37.10 -18.65
C HIS B 170 -4.59 -37.55 -18.31
N GLY B 171 -5.59 -36.76 -18.71
CA GLY B 171 -6.99 -37.13 -18.47
C GLY B 171 -7.42 -36.97 -17.02
N VAL B 172 -6.99 -35.89 -16.38
CA VAL B 172 -7.50 -35.52 -15.05
C VAL B 172 -8.92 -34.96 -15.21
N GLU B 173 -9.79 -35.31 -14.26
CA GLU B 173 -11.23 -34.99 -14.35
C GLU B 173 -11.69 -33.85 -13.44
N ARG B 174 -11.02 -33.70 -12.30
CA ARG B 174 -11.39 -32.69 -11.32
C ARG B 174 -10.16 -31.91 -10.88
N VAL B 175 -10.08 -30.67 -11.36
CA VAL B 175 -9.03 -29.74 -11.02
C VAL B 175 -9.65 -28.64 -10.19
N ALA B 176 -8.98 -28.25 -9.11
CA ALA B 176 -9.37 -27.09 -8.32
C ALA B 176 -8.29 -26.01 -8.43
N VAL B 177 -8.70 -24.78 -8.74
CA VAL B 177 -7.81 -23.63 -8.81
C VAL B 177 -8.14 -22.71 -7.63
N LEU B 178 -7.19 -22.51 -6.73
CA LEU B 178 -7.36 -21.57 -5.62
C LEU B 178 -6.50 -20.38 -5.92
N ASP B 179 -7.13 -19.23 -6.08
CA ASP B 179 -6.43 -18.04 -6.48
C ASP B 179 -6.40 -17.11 -5.27
N TRP B 180 -5.21 -16.92 -4.68
CA TRP B 180 -5.04 -16.02 -3.54
C TRP B 180 -4.25 -14.74 -3.82
N ASP B 181 -3.93 -14.46 -5.09
CA ASP B 181 -3.58 -13.10 -5.51
C ASP B 181 -4.70 -12.22 -4.95
N VAL B 182 -4.38 -10.98 -4.60
CA VAL B 182 -5.34 -10.10 -3.93
C VAL B 182 -6.47 -9.60 -4.85
N HIS B 183 -6.25 -9.69 -6.16
CA HIS B 183 -7.21 -9.26 -7.17
C HIS B 183 -8.04 -10.44 -7.65
N HIS B 184 -9.24 -10.14 -8.12
CA HIS B 184 -10.16 -11.18 -8.59
C HIS B 184 -9.60 -11.85 -9.85
N GLY B 185 -9.53 -13.17 -9.83
CA GLY B 185 -9.01 -13.93 -10.97
C GLY B 185 -10.11 -14.10 -12.00
N ASN B 186 -10.38 -13.03 -12.75
CA ASN B 186 -11.52 -13.00 -13.69
C ASN B 186 -11.32 -13.87 -14.92
N GLY B 187 -10.07 -14.03 -15.36
CA GLY B 187 -9.75 -14.84 -16.53
C GLY B 187 -10.08 -16.30 -16.30
N THR B 188 -9.59 -16.82 -15.18
CA THR B 188 -9.88 -18.19 -14.76
C THR B 188 -11.39 -18.42 -14.58
N GLN B 189 -12.07 -17.46 -13.96
CA GLN B 189 -13.52 -17.56 -13.75
C GLN B 189 -14.26 -17.65 -15.09
N ALA B 190 -13.98 -16.69 -15.99
CA ALA B 190 -14.62 -16.63 -17.30
C ALA B 190 -14.45 -17.93 -18.08
N ILE B 191 -13.20 -18.38 -18.18
CA ILE B 191 -12.83 -19.55 -18.97
C ILE B 191 -13.59 -20.80 -18.54
N TYR B 192 -13.73 -21.00 -17.22
CA TYR B 192 -14.32 -22.21 -16.69
C TYR B 192 -15.69 -21.96 -16.04
N TYR B 193 -16.40 -20.92 -16.46
CA TYR B 193 -17.64 -20.49 -15.78
C TYR B 193 -18.80 -21.48 -15.93
N ARG B 194 -18.93 -22.08 -17.12
CA ARG B 194 -19.98 -23.09 -17.39
C ARG B 194 -19.54 -24.54 -17.23
N ARG B 195 -18.39 -24.76 -16.59
CA ARG B 195 -17.81 -26.09 -16.45
C ARG B 195 -17.83 -26.57 -15.01
N ASP B 196 -18.11 -27.86 -14.81
CA ASP B 196 -18.05 -28.49 -13.47
C ASP B 196 -16.76 -29.30 -13.21
N ASP B 197 -15.92 -29.45 -14.23
CA ASP B 197 -14.64 -30.18 -14.07
C ASP B 197 -13.51 -29.33 -13.46
N VAL B 198 -13.63 -28.00 -13.52
CA VAL B 198 -12.69 -27.10 -12.87
C VAL B 198 -13.40 -26.26 -11.81
N LEU B 199 -13.12 -26.50 -10.54
CA LEU B 199 -13.59 -25.66 -9.43
C LEU B 199 -12.69 -24.43 -9.35
N SER B 200 -13.28 -23.26 -9.48
CA SER B 200 -12.51 -22.01 -9.47
C SER B 200 -12.85 -21.25 -8.19
N ILE B 201 -11.85 -21.02 -7.34
CA ILE B 201 -12.04 -20.21 -6.13
C ILE B 201 -11.12 -19.01 -6.18
N SER B 202 -11.69 -17.85 -5.88
CA SER B 202 -10.93 -16.62 -5.77
C SER B 202 -11.23 -15.91 -4.46
N LEU B 203 -10.19 -15.79 -3.62
CA LEU B 203 -10.19 -14.83 -2.51
C LEU B 203 -9.64 -13.53 -3.06
N HIS B 204 -10.32 -12.40 -2.83
CA HIS B 204 -9.81 -11.10 -3.24
C HIS B 204 -10.33 -9.99 -2.36
N GLN B 205 -9.70 -8.82 -2.49
CA GLN B 205 -10.14 -7.62 -1.83
C GLN B 205 -11.37 -7.13 -2.59
N ASP B 206 -12.44 -6.90 -1.83
CA ASP B 206 -13.71 -6.47 -2.41
C ASP B 206 -13.51 -5.19 -3.21
N GLY B 207 -13.77 -5.28 -4.52
CA GLY B 207 -13.75 -4.11 -5.40
C GLY B 207 -12.42 -3.54 -5.81
N CYS B 208 -11.34 -4.28 -5.58
CA CYS B 208 -9.98 -3.78 -5.88
C CYS B 208 -9.64 -3.82 -7.38
N PHE B 209 -9.47 -5.01 -7.95
CA PHE B 209 -9.30 -5.15 -9.40
C PHE B 209 -9.87 -6.50 -9.84
N PRO B 210 -10.77 -6.52 -10.82
CA PRO B 210 -11.30 -5.31 -11.48
C PRO B 210 -12.01 -4.38 -10.49
N PRO B 211 -11.91 -3.06 -10.71
CA PRO B 211 -12.41 -2.11 -9.72
C PRO B 211 -13.95 -2.14 -9.54
N GLY B 212 -14.41 -2.14 -8.29
CA GLY B 212 -15.82 -2.27 -7.97
C GLY B 212 -16.45 -3.66 -8.04
N TYR B 213 -15.69 -4.67 -8.46
CA TYR B 213 -16.25 -6.01 -8.62
C TYR B 213 -16.15 -6.78 -7.30
N SER B 214 -17.28 -7.35 -6.87
CA SER B 214 -17.34 -8.19 -5.64
C SER B 214 -17.49 -9.66 -6.01
N GLY B 215 -18.62 -9.99 -6.64
CA GLY B 215 -18.79 -11.27 -7.31
C GLY B 215 -19.28 -12.46 -6.52
N ALA B 216 -19.70 -12.27 -5.28
CA ALA B 216 -20.21 -13.36 -4.43
C ALA B 216 -21.43 -14.07 -5.05
N GLU B 217 -22.31 -13.30 -5.68
CA GLU B 217 -23.47 -13.83 -6.40
C GLU B 217 -23.10 -14.68 -7.64
N ASP B 218 -21.94 -14.43 -8.24
CA ASP B 218 -21.49 -15.15 -9.45
C ASP B 218 -20.92 -16.52 -9.09
N ILE B 219 -21.75 -17.55 -9.20
CA ILE B 219 -21.41 -18.91 -8.77
C ILE B 219 -21.24 -19.93 -9.91
N GLY B 220 -21.22 -19.44 -11.15
CA GLY B 220 -21.14 -20.30 -12.34
C GLY B 220 -22.48 -20.42 -13.05
N GLU B 221 -22.43 -20.73 -14.34
CA GLU B 221 -23.61 -20.94 -15.19
C GLU B 221 -23.73 -22.42 -15.49
N ASP B 222 -24.95 -22.86 -15.81
CA ASP B 222 -25.20 -24.17 -16.42
C ASP B 222 -24.67 -25.35 -15.58
N ARG B 223 -23.79 -26.20 -16.13
CA ARG B 223 -23.16 -27.27 -15.35
C ARG B 223 -22.17 -26.67 -14.35
N GLY B 224 -21.61 -25.50 -14.67
CA GLY B 224 -20.75 -24.76 -13.75
C GLY B 224 -21.40 -24.13 -12.53
N ARG B 225 -22.73 -24.09 -12.49
CA ARG B 225 -23.45 -23.56 -11.34
C ARG B 225 -23.06 -24.30 -10.05
N GLY B 226 -22.38 -23.59 -9.15
CA GLY B 226 -21.85 -24.18 -7.91
C GLY B 226 -20.38 -24.60 -7.97
N PHE B 227 -19.71 -24.30 -9.07
CA PHE B 227 -18.31 -24.66 -9.22
C PHE B 227 -17.44 -23.40 -9.48
N ASN B 228 -17.90 -22.25 -8.97
CA ASN B 228 -17.13 -21.00 -8.94
C ASN B 228 -17.48 -20.30 -7.65
N LEU B 229 -16.48 -19.88 -6.89
CA LEU B 229 -16.71 -19.23 -5.61
C LEU B 229 -15.83 -17.98 -5.48
N ASN B 230 -16.47 -16.84 -5.28
CA ASN B 230 -15.79 -15.58 -5.02
C ASN B 230 -15.94 -15.24 -3.55
N VAL B 231 -14.82 -14.87 -2.93
CA VAL B 231 -14.78 -14.50 -1.52
C VAL B 231 -14.24 -13.08 -1.47
N PRO B 232 -15.13 -12.06 -1.56
CA PRO B 232 -14.66 -10.68 -1.53
C PRO B 232 -14.43 -10.25 -0.09
N LEU B 233 -13.17 -10.22 0.30
CA LEU B 233 -12.79 -9.81 1.65
C LEU B 233 -12.79 -8.29 1.74
N LEU B 234 -13.13 -7.80 2.92
CA LEU B 234 -13.18 -6.36 3.16
C LEU B 234 -11.75 -5.83 3.16
N PRO B 235 -11.51 -4.68 2.52
CA PRO B 235 -10.17 -4.07 2.57
C PRO B 235 -9.72 -3.87 4.00
N GLY B 236 -8.41 -3.98 4.20
CA GLY B 236 -7.83 -3.86 5.54
C GLY B 236 -7.75 -5.15 6.31
N GLY B 237 -8.36 -6.21 5.79
CA GLY B 237 -8.22 -7.55 6.36
C GLY B 237 -6.80 -8.08 6.24
N GLY B 238 -6.47 -9.01 7.12
CA GLY B 238 -5.16 -9.65 7.15
C GLY B 238 -5.28 -11.13 7.48
N HIS B 239 -4.37 -11.60 8.32
CA HIS B 239 -4.18 -13.02 8.59
C HIS B 239 -5.47 -13.75 8.96
N ASP B 240 -6.14 -13.31 10.04
CA ASP B 240 -7.37 -13.96 10.49
C ASP B 240 -8.46 -14.01 9.44
N ALA B 241 -8.62 -12.93 8.69
CA ALA B 241 -9.64 -12.90 7.63
C ALA B 241 -9.41 -14.04 6.64
N TYR B 242 -8.16 -14.22 6.23
CA TYR B 242 -7.82 -15.27 5.28
C TYR B 242 -7.96 -16.67 5.86
N MET B 243 -7.51 -16.86 7.09
CA MET B 243 -7.65 -18.15 7.76
C MET B 243 -9.12 -18.56 7.88
N GLN B 244 -9.98 -17.61 8.24
CA GLN B 244 -11.43 -17.85 8.31
C GLN B 244 -11.99 -18.23 6.95
N ALA B 245 -11.61 -17.48 5.91
CA ALA B 245 -12.02 -17.76 4.53
C ALA B 245 -11.60 -19.16 4.09
N MET B 246 -10.36 -19.52 4.41
CA MET B 246 -9.85 -20.86 4.14
C MET B 246 -10.63 -21.95 4.90
N GLN B 247 -10.85 -21.72 6.19
CA GLN B 247 -11.52 -22.70 7.05
C GLN B 247 -13.01 -22.85 6.77
N ARG B 248 -13.68 -21.76 6.44
CA ARG B 248 -15.13 -21.75 6.29
C ARG B 248 -15.61 -21.94 4.86
N ILE B 249 -14.82 -21.52 3.87
CA ILE B 249 -15.22 -21.59 2.46
C ILE B 249 -14.33 -22.54 1.66
N VAL B 250 -13.03 -22.28 1.65
CA VAL B 250 -12.10 -22.96 0.73
C VAL B 250 -11.99 -24.45 0.99
N LEU B 251 -11.73 -24.84 2.23
CA LEU B 251 -11.52 -26.25 2.57
C LEU B 251 -12.79 -27.09 2.50
N PRO B 252 -13.92 -26.58 3.04
CA PRO B 252 -15.20 -27.26 2.80
C PRO B 252 -15.53 -27.45 1.32
N ALA B 253 -15.30 -26.42 0.49
CA ALA B 253 -15.54 -26.49 -0.96
C ALA B 253 -14.71 -27.56 -1.64
N LEU B 254 -13.43 -27.60 -1.28
CA LEU B 254 -12.53 -28.63 -1.78
C LEU B 254 -12.92 -30.03 -1.29
N GLU B 255 -13.34 -30.12 -0.03
CA GLU B 255 -13.80 -31.38 0.58
C GLU B 255 -14.98 -32.00 -0.19
N ARG B 256 -15.92 -31.17 -0.62
CA ARG B 256 -17.06 -31.60 -1.45
C ARG B 256 -16.67 -31.92 -2.91
N PHE B 257 -15.80 -31.11 -3.49
CA PHE B 257 -15.42 -31.24 -4.90
C PHE B 257 -14.45 -32.40 -5.18
N ARG B 258 -13.66 -32.80 -4.18
CA ARG B 258 -12.73 -33.92 -4.30
C ARG B 258 -11.76 -33.74 -5.50
N PRO B 259 -10.90 -32.71 -5.44
CA PRO B 259 -9.98 -32.44 -6.55
C PRO B 259 -8.91 -33.52 -6.70
N GLN B 260 -8.58 -33.85 -7.94
CA GLN B 260 -7.51 -34.79 -8.27
C GLN B 260 -6.19 -34.07 -8.48
N LEU B 261 -6.27 -32.75 -8.66
CA LEU B 261 -5.14 -31.86 -8.77
C LEU B 261 -5.56 -30.53 -8.18
N ILE B 262 -4.64 -29.88 -7.46
CA ILE B 262 -4.87 -28.52 -6.96
C ILE B 262 -3.85 -27.60 -7.60
N VAL B 263 -4.33 -26.47 -8.11
CA VAL B 263 -3.48 -25.44 -8.69
C VAL B 263 -3.72 -24.18 -7.89
N VAL B 264 -2.64 -23.50 -7.50
CA VAL B 264 -2.75 -22.20 -6.83
C VAL B 264 -2.21 -21.13 -7.76
N ALA B 265 -3.06 -20.13 -8.04
CA ALA B 265 -2.64 -18.85 -8.61
C ALA B 265 -2.19 -17.96 -7.44
N SER B 266 -0.88 -17.94 -7.21
CA SER B 266 -0.30 -17.32 -6.02
C SER B 266 0.31 -15.96 -6.35
N GLY B 267 -0.49 -14.93 -6.11
CA GLY B 267 0.02 -13.56 -6.07
C GLY B 267 0.33 -13.26 -4.63
N PHE B 268 1.28 -12.36 -4.41
CA PHE B 268 1.66 -11.93 -3.07
C PHE B 268 1.29 -10.47 -2.76
N ASP B 269 0.55 -9.86 -3.69
CA ASP B 269 0.01 -8.50 -3.53
C ASP B 269 -1.05 -8.31 -2.39
N ALA B 270 -1.45 -9.38 -1.72
CA ALA B 270 -2.14 -9.26 -0.42
C ALA B 270 -1.23 -8.95 0.77
N ASN B 271 0.09 -8.96 0.57
CA ASN B 271 1.01 -8.60 1.66
C ASN B 271 0.79 -7.17 2.16
N ALA B 272 1.16 -6.96 3.42
CA ALA B 272 0.84 -5.72 4.14
C ALA B 272 1.49 -4.44 3.62
N VAL B 273 2.50 -4.54 2.77
CA VAL B 273 3.17 -3.33 2.23
C VAL B 273 3.04 -3.17 0.72
N ASP B 274 2.07 -3.86 0.13
CA ASP B 274 1.87 -3.78 -1.30
C ASP B 274 1.15 -2.48 -1.67
N PRO B 275 1.66 -1.76 -2.68
CA PRO B 275 0.97 -0.56 -3.10
C PRO B 275 -0.34 -0.78 -3.84
N LEU B 276 -0.58 -1.97 -4.39
CA LEU B 276 -1.74 -2.20 -5.28
C LEU B 276 -2.94 -2.89 -4.62
N ALA B 277 -2.89 -3.07 -3.31
CA ALA B 277 -4.02 -3.53 -2.55
C ALA B 277 -3.89 -3.04 -1.12
N ARG B 278 -4.88 -3.36 -0.30
CA ARG B 278 -5.02 -2.79 1.04
C ARG B 278 -5.12 -3.87 2.13
N MET B 279 -4.63 -5.08 1.85
CA MET B 279 -4.69 -6.19 2.82
C MET B 279 -3.38 -6.25 3.62
N GLN B 280 -3.37 -7.07 4.68
CA GLN B 280 -2.35 -7.08 5.69
C GLN B 280 -1.75 -8.46 5.94
N LEU B 281 -1.39 -9.18 4.87
CA LEU B 281 -0.79 -10.50 5.02
C LEU B 281 0.70 -10.42 5.25
N HIS B 282 1.22 -11.38 6.00
CA HIS B 282 2.66 -11.52 6.21
C HIS B 282 3.09 -12.87 5.65
N SER B 283 4.39 -13.14 5.67
CA SER B 283 4.94 -14.33 5.05
C SER B 283 4.41 -15.66 5.64
N ASP B 284 4.18 -15.70 6.95
CA ASP B 284 3.56 -16.86 7.60
C ASP B 284 2.06 -17.06 7.29
N SER B 285 1.38 -16.05 6.76
CA SER B 285 0.01 -16.22 6.25
C SER B 285 0.03 -17.07 5.00
N PHE B 286 0.93 -16.74 4.07
CA PHE B 286 1.11 -17.53 2.85
C PHE B 286 1.63 -18.93 3.14
N ARG B 287 2.44 -19.06 4.19
CA ARG B 287 2.94 -20.35 4.64
C ARG B 287 1.79 -21.20 5.15
N ALA B 288 0.93 -20.58 5.96
CA ALA B 288 -0.19 -21.29 6.57
C ALA B 288 -1.23 -21.69 5.50
N MET B 289 -1.47 -20.80 4.55
CA MET B 289 -2.32 -21.11 3.42
C MET B 289 -1.75 -22.24 2.56
N THR B 290 -0.45 -22.23 2.34
CA THR B 290 0.23 -23.29 1.60
C THR B 290 0.12 -24.60 2.37
N ALA B 291 0.30 -24.54 3.68
CA ALA B 291 0.18 -25.73 4.53
C ALA B 291 -1.22 -26.36 4.48
N MET B 292 -2.25 -25.52 4.57
CA MET B 292 -3.65 -25.96 4.44
C MET B 292 -3.97 -26.57 3.07
N VAL B 293 -3.49 -25.95 2.00
CA VAL B 293 -3.78 -26.43 0.66
C VAL B 293 -2.98 -27.71 0.31
N ARG B 294 -1.83 -27.89 0.94
CA ARG B 294 -1.06 -29.13 0.79
C ARG B 294 -1.78 -30.28 1.48
N ASP B 295 -2.30 -30.02 2.68
CA ASP B 295 -3.11 -30.98 3.43
C ASP B 295 -4.29 -31.51 2.60
N ALA B 296 -4.98 -30.61 1.90
CA ALA B 296 -6.09 -31.00 1.02
C ALA B 296 -5.64 -31.78 -0.21
N ALA B 297 -4.49 -31.40 -0.76
CA ALA B 297 -3.91 -32.14 -1.90
C ALA B 297 -3.49 -33.56 -1.49
N GLU B 298 -2.95 -33.69 -0.29
CA GLU B 298 -2.59 -35.02 0.29
C GLU B 298 -3.81 -35.89 0.51
N ARG B 299 -4.92 -35.27 0.88
CA ARG B 299 -6.19 -35.97 1.06
C ARG B 299 -6.79 -36.50 -0.24
N HIS B 300 -7.08 -35.60 -1.18
CA HIS B 300 -7.83 -35.95 -2.40
C HIS B 300 -6.97 -36.20 -3.62
N ALA B 301 -5.86 -35.49 -3.75
CA ALA B 301 -5.08 -35.48 -4.99
C ALA B 301 -3.78 -36.30 -4.95
N GLY B 302 -3.58 -37.10 -3.89
CA GLY B 302 -2.31 -37.83 -3.70
C GLY B 302 -1.09 -36.91 -3.58
N GLY B 303 -1.29 -35.76 -2.93
CA GLY B 303 -0.26 -34.72 -2.79
C GLY B 303 -0.06 -33.78 -3.98
N ARG B 304 -0.70 -34.03 -5.11
CA ARG B 304 -0.43 -33.26 -6.35
C ARG B 304 -0.88 -31.80 -6.27
N LEU B 305 0.10 -30.90 -6.14
CA LEU B 305 -0.13 -29.47 -5.94
C LEU B 305 0.82 -28.67 -6.81
N VAL B 306 0.30 -27.65 -7.50
CA VAL B 306 1.13 -26.72 -8.25
C VAL B 306 0.80 -25.28 -7.86
N VAL B 307 1.85 -24.48 -7.65
CA VAL B 307 1.75 -23.08 -7.28
C VAL B 307 2.35 -22.29 -8.44
N VAL B 308 1.57 -21.38 -9.00
CA VAL B 308 2.00 -20.54 -10.11
C VAL B 308 2.05 -19.08 -9.64
N HIS B 309 3.18 -18.43 -9.90
CA HIS B 309 3.42 -17.06 -9.43
C HIS B 309 2.59 -16.08 -10.25
N GLU B 310 1.88 -15.17 -9.57
CA GLU B 310 1.02 -14.18 -10.23
C GLU B 310 1.49 -12.74 -9.89
N GLY B 311 0.73 -11.98 -9.11
CA GLY B 311 1.10 -10.62 -8.76
C GLY B 311 1.99 -10.54 -7.52
N GLY B 312 2.18 -9.33 -7.04
CA GLY B 312 3.12 -9.01 -5.95
C GLY B 312 3.99 -7.87 -6.41
N TYR B 313 3.88 -6.71 -5.77
CA TYR B 313 4.56 -5.50 -6.24
C TYR B 313 5.51 -4.83 -5.26
N SER B 314 5.62 -5.36 -4.05
CA SER B 314 6.60 -4.91 -3.07
C SER B 314 7.95 -5.57 -3.37
N GLU B 315 8.89 -4.81 -3.90
CA GLU B 315 10.28 -5.25 -4.05
C GLU B 315 10.86 -5.80 -2.76
N ALA B 316 10.63 -5.09 -1.67
CA ALA B 316 11.19 -5.45 -0.39
C ALA B 316 10.60 -6.74 0.19
N TYR B 317 9.29 -6.89 0.13
CA TYR B 317 8.63 -7.93 0.94
C TYR B 317 8.19 -9.19 0.21
N VAL B 318 7.92 -9.08 -1.09
CA VAL B 318 7.48 -10.23 -1.87
C VAL B 318 8.47 -11.40 -1.78
N PRO B 319 9.78 -11.13 -1.84
CA PRO B 319 10.74 -12.24 -1.76
C PRO B 319 10.56 -13.13 -0.53
N PHE B 320 10.24 -12.54 0.62
CA PHE B 320 10.02 -13.30 1.84
C PHE B 320 8.73 -14.12 1.82
N CYS B 321 7.68 -13.55 1.24
CA CYS B 321 6.39 -14.23 1.15
C CYS B 321 6.44 -15.44 0.23
N GLY B 322 7.05 -15.28 -0.94
CA GLY B 322 7.28 -16.40 -1.84
C GLY B 322 8.21 -17.47 -1.28
N LEU B 323 9.27 -17.04 -0.58
CA LEU B 323 10.14 -17.99 0.07
C LEU B 323 9.39 -18.87 1.08
N ALA B 324 8.49 -18.27 1.85
CA ALA B 324 7.71 -19.03 2.82
C ALA B 324 6.83 -20.11 2.17
N VAL B 325 6.31 -19.81 0.99
CA VAL B 325 5.49 -20.77 0.24
C VAL B 325 6.37 -21.95 -0.16
N ILE B 326 7.51 -21.65 -0.77
CA ILE B 326 8.41 -22.68 -1.28
C ILE B 326 9.00 -23.55 -0.17
N GLU B 327 9.21 -22.99 1.01
CA GLU B 327 9.63 -23.77 2.18
C GLU B 327 8.56 -24.78 2.58
N GLU B 328 7.31 -24.31 2.58
CA GLU B 328 6.17 -25.15 2.87
C GLU B 328 5.95 -26.26 1.85
N LEU B 329 6.11 -25.95 0.56
CA LEU B 329 6.04 -26.95 -0.51
C LEU B 329 7.12 -28.01 -0.39
N SER B 330 8.37 -27.56 -0.25
CA SER B 330 9.51 -28.46 -0.15
C SER B 330 9.62 -29.18 1.19
N GLY B 331 9.05 -28.59 2.25
CA GLY B 331 9.24 -29.11 3.61
C GLY B 331 10.62 -28.80 4.14
N VAL B 332 11.29 -27.82 3.53
CA VAL B 332 12.64 -27.42 3.89
C VAL B 332 12.56 -26.03 4.49
N ARG B 333 12.98 -25.90 5.74
CA ARG B 333 13.00 -24.63 6.42
C ARG B 333 14.42 -24.06 6.34
N SER B 334 14.56 -22.89 5.72
CA SER B 334 15.84 -22.20 5.63
C SER B 334 16.10 -21.38 6.88
N ALA B 335 17.26 -20.75 6.94
CA ALA B 335 17.63 -19.87 8.04
C ALA B 335 16.97 -18.50 7.97
N VAL B 336 16.37 -18.16 6.82
CA VAL B 336 15.83 -16.81 6.61
C VAL B 336 14.72 -16.53 7.60
N ARG B 337 14.73 -15.31 8.17
CA ARG B 337 13.74 -14.85 9.13
C ARG B 337 13.10 -13.59 8.59
N ASP B 338 11.78 -13.60 8.50
CA ASP B 338 11.00 -12.46 8.00
C ASP B 338 11.20 -11.25 8.93
N PRO B 339 11.81 -10.17 8.44
CA PRO B 339 12.02 -8.99 9.31
C PRO B 339 10.77 -8.14 9.59
N LEU B 340 9.69 -8.30 8.81
CA LEU B 340 8.45 -7.53 9.03
C LEU B 340 7.35 -8.28 9.77
N ARG B 341 7.54 -9.58 9.99
CA ARG B 341 6.54 -10.46 10.61
C ARG B 341 5.98 -9.91 11.91
N ASP B 342 6.86 -9.59 12.84
CA ASP B 342 6.44 -9.15 14.18
C ASP B 342 5.75 -7.79 14.11
N PHE B 343 6.29 -6.91 13.27
CA PHE B 343 5.69 -5.61 13.02
C PHE B 343 4.27 -5.75 12.45
N ILE B 344 4.10 -6.59 11.43
CA ILE B 344 2.82 -6.77 10.75
C ILE B 344 1.75 -7.37 11.67
N GLU B 345 2.13 -8.35 12.49
CA GLU B 345 1.26 -8.85 13.58
C GLU B 345 0.60 -7.77 14.42
N LEU B 346 1.36 -6.76 14.80
CA LEU B 346 0.85 -5.67 15.64
C LEU B 346 -0.15 -4.79 14.90
N GLN B 347 -0.05 -4.74 13.57
CA GLN B 347 -0.94 -3.93 12.73
C GLN B 347 -2.26 -4.59 12.36
N GLN B 348 -2.50 -5.83 12.79
CA GLN B 348 -3.68 -6.58 12.36
C GLN B 348 -4.99 -5.94 12.83
N PRO B 349 -6.12 -6.23 12.15
CA PRO B 349 -7.43 -5.73 12.58
C PRO B 349 -7.74 -6.02 14.06
N ASN B 350 -8.43 -5.10 14.72
CA ASN B 350 -8.85 -5.35 16.10
C ASN B 350 -9.95 -6.41 16.15
N ALA B 351 -10.24 -6.88 17.36
CA ALA B 351 -11.20 -7.96 17.59
C ALA B 351 -12.56 -7.68 16.95
N ALA B 352 -13.08 -6.47 17.14
CA ALA B 352 -14.40 -6.13 16.62
C ALA B 352 -14.45 -6.16 15.09
N PHE B 353 -13.36 -5.74 14.44
CA PHE B 353 -13.26 -5.76 12.98
C PHE B 353 -13.12 -7.20 12.49
N ARG B 354 -12.29 -8.00 13.17
CA ARG B 354 -12.17 -9.42 12.87
C ARG B 354 -13.52 -10.12 12.93
N ASP B 355 -14.26 -9.89 14.02
CA ASP B 355 -15.58 -10.49 14.22
C ASP B 355 -16.60 -10.04 13.16
N PHE B 356 -16.53 -8.77 12.76
CA PHE B 356 -17.37 -8.28 11.68
C PHE B 356 -17.10 -9.02 10.38
N GLN B 357 -15.82 -9.21 10.06
CA GLN B 357 -15.42 -9.97 8.85
C GLN B 357 -15.79 -11.45 8.96
N ARG B 358 -15.68 -12.00 10.17
CA ARG B 358 -16.01 -13.40 10.45
C ARG B 358 -17.49 -13.69 10.22
N GLN B 359 -18.35 -12.81 10.75
CA GLN B 359 -19.80 -12.90 10.55
C GLN B 359 -20.17 -12.90 9.07
N ARG B 360 -19.49 -12.09 8.27
CA ARG B 360 -19.75 -12.04 6.83
C ARG B 360 -19.36 -13.32 6.12
N LEU B 361 -18.26 -13.94 6.56
CA LEU B 361 -17.81 -15.20 5.98
C LEU B 361 -18.72 -16.37 6.34
N GLU B 362 -19.21 -16.39 7.57
CA GLU B 362 -20.23 -17.35 7.97
C GLU B 362 -21.49 -17.22 7.13
N GLU B 363 -21.88 -15.97 6.83
CA GLU B 363 -23.06 -15.70 5.98
C GLU B 363 -22.83 -16.14 4.55
N LEU B 364 -21.61 -15.92 4.06
CA LEU B 364 -21.25 -16.35 2.72
C LEU B 364 -21.21 -17.88 2.61
N ALA B 365 -20.69 -18.53 3.65
CA ALA B 365 -20.65 -19.99 3.72
C ALA B 365 -22.04 -20.59 3.56
N ALA B 366 -23.00 -20.06 4.33
CA ALA B 366 -24.40 -20.46 4.25
C ALA B 366 -25.01 -20.21 2.87
N GLN B 367 -24.67 -19.07 2.26
CA GLN B 367 -25.11 -18.76 0.89
C GLN B 367 -24.62 -19.82 -0.10
N PHE B 368 -23.37 -20.26 0.06
CA PHE B 368 -22.82 -21.31 -0.80
C PHE B 368 -23.26 -22.73 -0.43
N GLY B 369 -23.84 -22.89 0.76
CA GLY B 369 -24.29 -24.20 1.27
C GLY B 369 -23.18 -25.02 1.88
N LEU B 370 -22.42 -24.42 2.80
CA LEU B 370 -21.29 -25.07 3.49
C LEU B 370 -21.29 -24.75 4.98
ZN ZN C . 2.90 8.87 8.10
K K D . -2.16 11.08 12.13
K K E . -2.85 18.82 24.27
C1 9RB F . 11.95 -1.36 10.51
C2 9RB F . 10.57 -0.96 10.09
C3 9RB F . 8.22 1.80 9.68
C4 9RB F . 8.65 2.88 10.42
C5 9RB F . 8.08 4.14 10.26
C6 9RB F . 7.04 4.36 9.35
C7 9RB F . 6.56 5.76 9.26
C8 9RB F . 5.77 6.21 8.28
C9 9RB F . 5.31 7.62 8.18
C10 9RB F . 6.59 3.26 8.60
C11 9RB F . 7.17 1.99 8.77
C12 9RB F . 9.73 -2.17 10.04
C13 9RB F . 13.23 -0.58 10.73
C14 9RB F . 8.29 -2.27 9.67
O 9RB F . 4.49 7.93 7.33
N3 9RB F . 5.54 8.59 9.03
O1 9RB F . 4.58 9.59 8.96
N2 9RB F . 8.84 0.56 9.91
N1 9RB F . 10.08 0.32 9.82
N4 9RB F . 10.55 -3.19 10.39
N 9RB F . 11.83 -2.68 10.65
C 9RB F . 12.80 -3.74 11.05
ZN ZN G . -2.97 -9.31 -8.29
K K H . -7.80 -13.83 -6.09
K K I . -16.02 -23.50 -12.70
C1 9RB J . -5.12 2.73 -13.74
C2 9RB J . -4.27 1.63 -14.25
C3 9RB J . -4.34 -1.41 -12.24
C4 9RB J . -4.05 -2.50 -13.07
C5 9RB J . -3.65 -3.74 -12.57
C6 9RB J . -3.53 -3.93 -11.19
C7 9RB J . -3.11 -5.23 -10.56
C8 9RB J . -2.81 -6.39 -11.20
C9 9RB J . -2.45 -7.63 -10.44
C10 9RB J . -3.82 -2.84 -10.34
C11 9RB J . -4.21 -1.60 -10.85
C12 9RB J . -3.70 2.02 -15.57
C13 9RB J . -5.90 2.82 -12.46
C14 9RB J . -2.78 1.24 -16.48
O 9RB J . -2.28 -7.69 -9.24
N3 9RB J . -2.40 -8.80 -11.00
O1 9RB J . -2.32 -9.87 -10.11
N2 9RB J . -4.73 -0.16 -12.79
N1 9RB J . -4.00 0.42 -13.62
N4 9RB J . -4.20 3.26 -15.80
N 9RB J . -5.02 3.65 -14.71
C 9RB J . -5.62 5.00 -14.89
#